data_2BFA
#
_entry.id   2BFA
#
_cell.length_a   94.538
_cell.length_b   103.834
_cell.length_c   137.045
_cell.angle_alpha   90.00
_cell.angle_beta   90.00
_cell.angle_gamma   90.00
#
_symmetry.space_group_name_H-M   'P 21 21 21'
#
loop_
_entity.id
_entity.type
_entity.pdbx_description
1 polymer 'PTERIDINE REDUCTASE 1'
2 non-polymer 'NADPH DIHYDRO-NICOTINAMIDE-ADENINE-DINUCLEOTIDE PHOSPHATE'
3 non-polymer '10-PROPARGYL-5,8-DIDEAZAFOLIC ACID'
4 non-polymer 1,2-ETHANEDIOL
5 water water
#
_entity_poly.entity_id   1
_entity_poly.type   'polypeptide(L)'
_entity_poly.pdbx_seq_one_letter_code
;MTAPTVPVALVTGAAKRLGRSIAEGLHAEGYAVCLHYHRSAAEANALSATLNARRPNSAITVQADLSNVATAPVSGADGS
APVTLFTRCAELVAACYTHWGRCDVLVNNASSFYPTPLLRNDEDGHEPCVGDREAMETATADLFGSNAIAPYFLIKAFAH
RVAGTPAKHRGTNYSIINMVDAMTNQPLLGYTIYTMAKGALEGLTRSAALELAPLQIRVNGVGPGLSVLVDDMPPAVWEG
HRSKVPLYQRDSSAAEVSDVVIFLCSSKAKYITGTCVKVDGGYSLTRA
;
_entity_poly.pdbx_strand_id   A,B,C,D
#
loop_
_chem_comp.id
_chem_comp.type
_chem_comp.name
_chem_comp.formula
CB3 non-polymer '10-PROPARGYL-5,8-DIDEAZAFOLIC ACID' 'C24 H23 N5 O6'
EDO non-polymer 1,2-ETHANEDIOL 'C2 H6 O2'
NDP non-polymer 'NADPH DIHYDRO-NICOTINAMIDE-ADENINE-DINUCLEOTIDE PHOSPHATE' 'C21 H30 N7 O17 P3'
#
# COMPACT_ATOMS: atom_id res chain seq x y z
N VAL A 6 5.85 -31.44 22.03
CA VAL A 6 5.74 -30.03 22.49
C VAL A 6 6.56 -29.09 21.58
N PRO A 7 5.88 -28.19 20.87
CA PRO A 7 6.57 -27.26 19.97
C PRO A 7 7.34 -26.18 20.74
N VAL A 8 8.35 -25.63 20.08
CA VAL A 8 9.20 -24.61 20.68
C VAL A 8 9.06 -23.25 19.98
N ALA A 9 9.00 -22.20 20.76
CA ALA A 9 8.93 -20.85 20.21
C ALA A 9 10.11 -20.02 20.70
N LEU A 10 10.79 -19.35 19.79
CA LEU A 10 11.85 -18.44 20.16
C LEU A 10 11.34 -17.00 20.07
N VAL A 11 11.35 -16.29 21.20
CA VAL A 11 10.86 -14.93 21.25
C VAL A 11 11.97 -13.96 21.66
N THR A 12 12.35 -13.08 20.75
CA THR A 12 13.39 -12.10 21.05
C THR A 12 12.81 -10.92 21.83
N GLY A 13 13.61 -10.36 22.74
CA GLY A 13 13.16 -9.27 23.60
C GLY A 13 11.88 -9.69 24.31
N ALA A 14 11.91 -10.87 24.95
CA ALA A 14 10.73 -11.44 25.60
C ALA A 14 10.57 -11.06 27.07
N ALA A 15 11.53 -10.30 27.61
CA ALA A 15 11.55 -9.97 29.03
C ALA A 15 10.33 -9.20 29.55
N LYS A 16 9.92 -8.16 28.83
CA LYS A 16 8.79 -7.38 29.27
C LYS A 16 7.84 -6.95 28.16
N ARG A 17 6.85 -6.15 28.54
CA ARG A 17 5.87 -5.58 27.61
C ARG A 17 5.28 -6.57 26.59
N LEU A 18 5.29 -6.22 25.30
CA LEU A 18 4.69 -7.10 24.27
C LEU A 18 5.39 -8.45 24.14
N GLY A 19 6.72 -8.45 24.27
CA GLY A 19 7.51 -9.67 24.19
C GLY A 19 7.09 -10.68 25.24
N ARG A 20 6.93 -10.21 26.47
CA ARG A 20 6.48 -11.05 27.58
C ARG A 20 5.07 -11.58 27.31
N SER A 21 4.20 -10.71 26.81
CA SER A 21 2.82 -11.08 26.52
C SER A 21 2.75 -12.13 25.43
N ILE A 22 3.60 -11.99 24.42
CA ILE A 22 3.65 -12.96 23.33
C ILE A 22 4.15 -14.30 23.86
N ALA A 23 5.19 -14.26 24.68
CA ALA A 23 5.75 -15.47 25.26
C ALA A 23 4.71 -16.17 26.15
N GLU A 24 4.06 -15.40 27.01
CA GLU A 24 3.02 -15.96 27.87
C GLU A 24 1.89 -16.56 27.03
N GLY A 25 1.51 -15.84 25.97
CA GLY A 25 0.47 -16.29 25.08
C GLY A 25 0.76 -17.65 24.47
N LEU A 26 1.98 -17.78 23.92
CA LEU A 26 2.42 -19.02 23.29
C LEU A 26 2.56 -20.12 24.32
N HIS A 27 3.09 -19.78 25.48
CA HIS A 27 3.24 -20.75 26.56
C HIS A 27 1.88 -21.31 26.97
N ALA A 28 0.87 -20.44 27.04
CA ALA A 28 -0.49 -20.84 27.38
C ALA A 28 -1.06 -21.79 26.33
N GLU A 29 -0.52 -21.75 25.12
CA GLU A 29 -0.97 -22.63 24.03
C GLU A 29 -0.22 -23.96 24.02
N GLY A 30 0.72 -24.14 24.94
CA GLY A 30 1.45 -25.40 25.03
C GLY A 30 2.89 -25.35 24.57
N TYR A 31 3.32 -24.21 24.04
CA TYR A 31 4.70 -24.06 23.56
C TYR A 31 5.71 -23.98 24.68
N ALA A 32 6.86 -24.61 24.48
CA ALA A 32 8.01 -24.38 25.35
C ALA A 32 8.58 -23.09 24.76
N VAL A 33 9.06 -22.19 25.61
CA VAL A 33 9.50 -20.90 25.12
C VAL A 33 10.93 -20.52 25.44
N CYS A 34 11.68 -20.15 24.42
CA CYS A 34 13.02 -19.63 24.61
C CYS A 34 12.96 -18.10 24.70
N LEU A 35 13.17 -17.58 25.90
CA LEU A 35 13.08 -16.15 26.15
C LEU A 35 14.40 -15.44 25.92
N HIS A 36 14.46 -14.63 24.87
CA HIS A 36 15.67 -13.88 24.59
C HIS A 36 15.63 -12.51 25.27
N TYR A 37 16.79 -12.03 25.68
CA TYR A 37 16.91 -10.73 26.31
C TYR A 37 18.30 -10.16 26.09
N HIS A 38 18.42 -8.85 26.22
CA HIS A 38 19.70 -8.19 26.10
C HIS A 38 20.12 -7.66 27.46
N ARG A 39 19.40 -6.66 27.94
CA ARG A 39 19.73 -6.01 29.20
C ARG A 39 18.87 -6.43 30.38
N SER A 40 17.67 -6.93 30.11
CA SER A 40 16.73 -7.27 31.16
C SER A 40 16.85 -8.70 31.68
N ALA A 41 17.99 -9.04 32.28
CA ALA A 41 18.16 -10.38 32.81
C ALA A 41 17.14 -10.70 33.91
N ALA A 42 17.01 -9.80 34.86
CA ALA A 42 16.12 -10.02 36.00
C ALA A 42 14.70 -10.33 35.58
N GLU A 43 14.15 -9.51 34.68
CA GLU A 43 12.79 -9.69 34.20
C GLU A 43 12.63 -11.00 33.45
N ALA A 44 13.60 -11.32 32.60
CA ALA A 44 13.59 -12.52 31.81
C ALA A 44 13.62 -13.78 32.67
N ASN A 45 14.52 -13.80 33.65
CA ASN A 45 14.65 -14.95 34.56
C ASN A 45 13.41 -15.12 35.44
N ALA A 46 12.81 -14.01 35.83
CA ALA A 46 11.58 -14.05 36.62
C ALA A 46 10.45 -14.64 35.78
N LEU A 47 10.44 -14.33 34.49
CA LEU A 47 9.43 -14.88 33.59
C LEU A 47 9.67 -16.38 33.35
N SER A 48 10.92 -16.76 33.14
CA SER A 48 11.29 -18.16 32.96
C SER A 48 10.84 -18.96 34.16
N ALA A 49 11.10 -18.43 35.36
CA ALA A 49 10.73 -19.06 36.62
C ALA A 49 9.21 -19.30 36.69
N THR A 50 8.45 -18.27 36.37
CA THR A 50 7.00 -18.37 36.40
C THR A 50 6.52 -19.47 35.48
N LEU A 51 7.00 -19.42 34.24
CA LEU A 51 6.60 -20.40 33.23
C LEU A 51 7.04 -21.81 33.59
N ASN A 52 8.25 -21.95 34.12
CA ASN A 52 8.77 -23.25 34.52
C ASN A 52 8.02 -23.84 35.70
N ALA A 53 7.61 -22.99 36.63
CA ALA A 53 6.83 -23.43 37.78
C ALA A 53 5.47 -23.93 37.31
N ARG A 54 4.92 -23.23 36.33
CA ARG A 54 3.62 -23.54 35.76
C ARG A 54 3.69 -24.85 34.98
N ARG A 55 4.85 -25.13 34.40
CA ARG A 55 5.08 -26.32 33.59
C ARG A 55 6.59 -26.54 33.53
N PRO A 56 7.08 -27.58 34.20
CA PRO A 56 8.52 -27.86 34.23
C PRO A 56 9.16 -27.91 32.85
N ASN A 57 10.37 -27.37 32.73
CA ASN A 57 11.11 -27.37 31.47
C ASN A 57 10.33 -26.82 30.28
N SER A 58 9.65 -25.70 30.50
CA SER A 58 8.87 -25.08 29.45
C SER A 58 9.39 -23.67 29.11
N ALA A 59 10.57 -23.33 29.62
CA ALA A 59 11.16 -22.01 29.38
C ALA A 59 12.64 -21.95 29.70
N ILE A 60 13.37 -21.19 28.91
CA ILE A 60 14.78 -20.94 29.13
C ILE A 60 15.08 -19.51 28.71
N THR A 61 16.23 -18.98 29.13
CA THR A 61 16.63 -17.62 28.75
C THR A 61 17.95 -17.63 28.01
N VAL A 62 18.07 -16.76 27.02
CA VAL A 62 19.31 -16.58 26.27
C VAL A 62 19.56 -15.09 26.12
N GLN A 63 20.78 -14.67 26.39
CA GLN A 63 21.15 -13.27 26.30
C GLN A 63 21.87 -13.02 24.99
N ALA A 64 21.59 -11.89 24.37
CA ALA A 64 22.27 -11.54 23.13
C ALA A 64 22.01 -10.14 22.67
N ASP A 65 23.09 -9.43 22.33
CA ASP A 65 22.98 -8.11 21.75
C ASP A 65 22.68 -8.31 20.27
N LEU A 66 21.54 -7.80 19.82
CA LEU A 66 21.12 -7.97 18.44
C LEU A 66 21.50 -6.78 17.57
N SER A 67 22.34 -5.90 18.11
CA SER A 67 22.85 -4.79 17.34
C SER A 67 23.83 -5.35 16.30
N ASN A 68 23.91 -4.68 15.15
CA ASN A 68 24.81 -5.12 14.07
C ASN A 68 26.28 -4.78 14.35
N VAL A 69 26.83 -5.38 15.40
CA VAL A 69 28.22 -5.16 15.80
C VAL A 69 28.83 -6.49 16.21
N ALA A 70 30.14 -6.59 16.13
CA ALA A 70 30.85 -7.76 16.61
C ALA A 70 31.04 -7.65 18.13
N THR A 71 30.95 -8.76 18.83
CA THR A 71 31.16 -8.76 20.28
C THR A 71 32.39 -9.58 20.64
N ALA A 72 32.87 -9.39 21.87
CA ALA A 72 34.02 -10.14 22.37
C ALA A 72 33.59 -11.58 22.64
N PRO A 73 34.52 -12.53 22.45
CA PRO A 73 34.23 -13.97 22.67
C PRO A 73 33.82 -14.29 24.10
N ALA A 81 39.06 -14.18 18.66
CA ALA A 81 38.21 -13.81 17.53
C ALA A 81 36.89 -13.17 17.98
N PRO A 82 36.57 -12.01 17.41
CA PRO A 82 35.32 -11.31 17.72
C PRO A 82 34.12 -12.09 17.21
N VAL A 83 33.01 -12.07 17.93
CA VAL A 83 31.78 -12.77 17.54
C VAL A 83 30.84 -11.84 16.76
N THR A 84 30.42 -12.28 15.58
CA THR A 84 29.53 -11.47 14.73
C THR A 84 28.06 -11.65 15.09
N LEU A 85 27.23 -10.74 14.59
CA LEU A 85 25.81 -10.78 14.84
C LEU A 85 25.17 -12.06 14.30
N PHE A 86 25.63 -12.51 13.14
CA PHE A 86 25.10 -13.71 12.54
C PHE A 86 25.33 -14.91 13.46
N THR A 87 26.57 -15.09 13.89
CA THR A 87 26.90 -16.16 14.83
C THR A 87 25.99 -16.08 16.05
N ARG A 88 25.86 -14.89 16.62
CA ARG A 88 25.01 -14.69 17.79
C ARG A 88 23.56 -15.09 17.50
N CYS A 89 23.10 -14.80 16.29
CA CYS A 89 21.74 -15.17 15.89
C CYS A 89 21.63 -16.69 15.70
N ALA A 90 22.65 -17.28 15.09
CA ALA A 90 22.67 -18.72 14.87
C ALA A 90 22.68 -19.47 16.20
N GLU A 91 23.38 -18.93 17.19
CA GLU A 91 23.44 -19.56 18.51
C GLU A 91 22.12 -19.45 19.24
N LEU A 92 21.38 -18.38 18.97
CA LEU A 92 20.06 -18.17 19.55
C LEU A 92 19.15 -19.32 19.11
N VAL A 93 19.12 -19.57 17.80
CA VAL A 93 18.30 -20.63 17.25
C VAL A 93 18.82 -21.99 17.70
N ALA A 94 20.14 -22.14 17.70
CA ALA A 94 20.76 -23.38 18.13
C ALA A 94 20.37 -23.74 19.56
N ALA A 95 20.36 -22.73 20.44
CA ALA A 95 19.99 -22.94 21.84
C ALA A 95 18.67 -23.70 21.94
N CYS A 96 17.76 -23.44 21.01
CA CYS A 96 16.47 -24.09 20.99
C CYS A 96 16.61 -25.58 20.67
N TYR A 97 17.39 -25.89 19.63
CA TYR A 97 17.62 -27.28 19.21
C TYR A 97 18.43 -28.06 20.25
N THR A 98 19.43 -27.40 20.83
CA THR A 98 20.27 -28.03 21.86
C THR A 98 19.45 -28.44 23.09
N HIS A 99 18.48 -27.62 23.47
CA HIS A 99 17.70 -27.87 24.66
C HIS A 99 16.45 -28.70 24.45
N TRP A 100 15.73 -28.46 23.35
CA TRP A 100 14.47 -29.17 23.09
C TRP A 100 14.46 -29.95 21.76
N GLY A 101 15.54 -29.85 21.01
CA GLY A 101 15.63 -30.56 19.74
C GLY A 101 14.73 -30.02 18.65
N ARG A 102 14.28 -28.76 18.79
CA ARG A 102 13.42 -28.16 17.77
C ARG A 102 13.22 -26.67 17.95
N CYS A 103 12.67 -26.04 16.92
CA CYS A 103 12.32 -24.62 16.93
C CYS A 103 11.22 -24.39 15.90
N ASP A 104 9.97 -24.34 16.36
CA ASP A 104 8.83 -24.24 15.47
C ASP A 104 8.39 -22.83 15.14
N VAL A 105 8.54 -21.92 16.10
CA VAL A 105 8.10 -20.55 15.92
C VAL A 105 9.17 -19.56 16.29
N LEU A 106 9.35 -18.54 15.45
CA LEU A 106 10.28 -17.46 15.74
C LEU A 106 9.53 -16.13 15.71
N VAL A 107 9.64 -15.38 16.80
CA VAL A 107 8.99 -14.06 16.89
C VAL A 107 10.03 -12.96 17.02
N ASN A 108 10.20 -12.20 15.94
CA ASN A 108 11.15 -11.10 15.92
C ASN A 108 10.51 -9.89 16.54
N ASN A 109 10.62 -9.81 17.87
CA ASN A 109 10.00 -8.76 18.65
C ASN A 109 10.97 -7.72 19.17
N ALA A 110 12.22 -8.14 19.42
CA ALA A 110 13.24 -7.24 19.98
C ALA A 110 13.38 -6.01 19.08
N SER A 111 13.52 -4.83 19.69
CA SER A 111 13.60 -3.62 18.87
C SER A 111 13.98 -2.37 19.64
N SER A 112 14.99 -1.66 19.12
CA SER A 112 15.39 -0.37 19.69
C SER A 112 14.49 0.72 19.11
N PHE A 113 14.27 1.77 19.88
CA PHE A 113 13.39 2.84 19.45
C PHE A 113 13.78 4.17 20.09
N TYR A 114 14.43 5.02 19.31
CA TYR A 114 14.80 6.37 19.76
C TYR A 114 15.07 7.27 18.55
N PRO A 115 15.03 8.57 18.77
CA PRO A 115 15.20 9.57 17.70
C PRO A 115 16.56 9.54 16.99
N THR A 116 16.52 9.74 15.68
CA THR A 116 17.72 9.99 14.88
C THR A 116 17.34 11.15 13.95
N PRO A 117 17.31 12.35 14.51
CA PRO A 117 16.87 13.54 13.76
C PRO A 117 17.77 13.85 12.58
N LEU A 118 17.18 14.42 11.53
CA LEU A 118 17.91 14.80 10.33
C LEU A 118 18.47 16.20 10.48
N LEU A 119 17.81 17.00 11.31
CA LEU A 119 18.20 18.37 11.54
C LEU A 119 18.71 18.61 12.95
N ARG A 120 19.68 19.53 13.08
CA ARG A 120 20.26 19.89 14.36
C ARG A 120 19.52 21.09 14.96
N ASP A 132 29.54 12.22 19.40
CA ASP A 132 28.78 12.40 18.16
C ASP A 132 29.02 11.24 17.20
N ARG A 133 30.29 11.01 16.86
CA ARG A 133 30.67 9.93 15.94
C ARG A 133 30.18 8.57 16.44
N GLU A 134 30.28 8.35 17.74
CA GLU A 134 29.85 7.10 18.35
C GLU A 134 28.33 6.95 18.36
N ALA A 135 27.64 7.99 18.84
CA ALA A 135 26.18 7.98 18.94
C ALA A 135 25.45 7.65 17.62
N MET A 136 26.02 8.07 16.49
CA MET A 136 25.39 7.83 15.20
C MET A 136 25.71 6.46 14.63
N GLU A 137 26.97 6.07 14.70
CA GLU A 137 27.40 4.76 14.22
C GLU A 137 26.74 3.68 15.07
N THR A 138 26.62 3.98 16.36
CA THR A 138 26.03 3.07 17.32
C THR A 138 24.52 2.96 17.13
N ALA A 139 23.89 4.08 16.80
CA ALA A 139 22.45 4.11 16.58
C ALA A 139 22.08 3.29 15.34
N THR A 140 22.85 3.46 14.27
CA THR A 140 22.62 2.75 13.02
C THR A 140 22.67 1.24 13.23
N ALA A 141 23.76 0.78 13.84
CA ALA A 141 23.95 -0.64 14.08
C ALA A 141 22.88 -1.18 15.04
N ASP A 142 22.52 -0.37 16.03
CA ASP A 142 21.56 -0.78 17.02
C ASP A 142 20.15 -0.81 16.45
N LEU A 143 19.72 0.31 15.88
CA LEU A 143 18.38 0.42 15.33
C LEU A 143 18.17 -0.53 14.18
N PHE A 144 19.16 -0.64 13.30
CA PHE A 144 19.05 -1.54 12.16
C PHE A 144 19.26 -2.99 12.50
N GLY A 145 20.09 -3.26 13.51
CA GLY A 145 20.39 -4.61 13.92
C GLY A 145 19.19 -5.31 14.52
N SER A 146 18.63 -4.72 15.56
CA SER A 146 17.50 -5.31 16.28
C SER A 146 16.25 -5.40 15.43
N ASN A 147 16.01 -4.37 14.63
CA ASN A 147 14.78 -4.28 13.86
C ASN A 147 14.77 -5.00 12.51
N ALA A 148 15.95 -5.16 11.91
CA ALA A 148 16.03 -5.72 10.56
C ALA A 148 17.05 -6.82 10.36
N ILE A 149 18.32 -6.49 10.59
CA ILE A 149 19.41 -7.41 10.34
C ILE A 149 19.42 -8.67 11.20
N ALA A 150 19.22 -8.52 12.51
CA ALA A 150 19.13 -9.70 13.39
C ALA A 150 17.97 -10.61 12.94
N PRO A 151 16.78 -10.03 12.75
CA PRO A 151 15.64 -10.78 12.23
C PRO A 151 16.01 -11.56 10.95
N TYR A 152 16.73 -10.93 10.04
CA TYR A 152 17.17 -11.60 8.82
C TYR A 152 18.03 -12.83 9.14
N PHE A 153 19.08 -12.63 9.93
CA PHE A 153 19.97 -13.72 10.32
C PHE A 153 19.22 -14.79 11.10
N LEU A 154 18.34 -14.36 11.99
CA LEU A 154 17.54 -15.28 12.78
C LEU A 154 16.67 -16.14 11.86
N ILE A 155 16.01 -15.51 10.88
CA ILE A 155 15.19 -16.25 9.92
C ILE A 155 16.06 -17.24 9.14
N LYS A 156 17.22 -16.78 8.67
CA LYS A 156 18.16 -17.61 7.94
C LYS A 156 18.52 -18.86 8.76
N ALA A 157 18.95 -18.63 10.00
CA ALA A 157 19.32 -19.72 10.90
C ALA A 157 18.14 -20.66 11.13
N PHE A 158 16.96 -20.08 11.33
CA PHE A 158 15.74 -20.83 11.55
C PHE A 158 15.43 -21.71 10.33
N ALA A 159 15.58 -21.13 9.14
CA ALA A 159 15.29 -21.85 7.90
C ALA A 159 16.31 -22.94 7.64
N HIS A 160 17.58 -22.63 7.95
CA HIS A 160 18.67 -23.59 7.75
C HIS A 160 18.43 -24.87 8.56
N ARG A 161 18.02 -24.72 9.82
CA ARG A 161 17.77 -25.87 10.68
C ARG A 161 16.56 -26.71 10.25
N VAL A 162 15.54 -26.06 9.69
CA VAL A 162 14.38 -26.78 9.16
C VAL A 162 14.78 -27.57 7.91
N ALA A 163 15.50 -26.91 7.00
CA ALA A 163 15.97 -27.56 5.77
C ALA A 163 16.85 -28.77 6.08
N GLY A 164 17.70 -28.63 7.10
CA GLY A 164 18.61 -29.69 7.50
C GLY A 164 17.92 -30.82 8.23
N THR A 165 16.65 -30.62 8.58
CA THR A 165 15.86 -31.65 9.24
C THR A 165 15.18 -32.50 8.17
N PRO A 166 15.33 -33.82 8.28
CA PRO A 166 14.70 -34.75 7.34
C PRO A 166 13.19 -34.56 7.34
N ALA A 167 12.59 -34.44 6.16
CA ALA A 167 11.15 -34.22 6.03
C ALA A 167 10.32 -35.01 7.06
N LYS A 168 10.75 -36.25 7.30
CA LYS A 168 10.06 -37.14 8.23
C LYS A 168 10.09 -36.69 9.70
N HIS A 169 11.04 -35.83 10.05
CA HIS A 169 11.12 -35.35 11.44
C HIS A 169 10.72 -33.87 11.59
N ARG A 170 10.25 -33.25 10.51
CA ARG A 170 9.88 -31.84 10.55
C ARG A 170 8.56 -31.55 11.29
N GLY A 171 8.46 -30.35 11.85
CA GLY A 171 7.23 -29.91 12.50
C GLY A 171 6.16 -29.67 11.46
N THR A 172 4.91 -29.62 11.89
CA THR A 172 3.80 -29.44 10.96
C THR A 172 3.28 -28.01 10.92
N ASN A 173 3.90 -27.13 11.70
CA ASN A 173 3.42 -25.74 11.78
C ASN A 173 4.51 -24.71 12.09
N TYR A 174 5.44 -24.52 11.16
CA TYR A 174 6.50 -23.54 11.32
C TYR A 174 5.93 -22.14 11.05
N SER A 175 6.19 -21.20 11.95
CA SER A 175 5.64 -19.87 11.79
C SER A 175 6.59 -18.80 12.30
N ILE A 176 6.88 -17.81 11.45
CA ILE A 176 7.71 -16.68 11.86
C ILE A 176 6.89 -15.40 11.90
N ILE A 177 6.93 -14.69 13.02
CA ILE A 177 6.20 -13.43 13.14
C ILE A 177 7.14 -12.27 13.32
N ASN A 178 7.03 -11.29 12.43
CA ASN A 178 7.85 -10.09 12.51
C ASN A 178 7.03 -8.97 13.10
N MET A 179 7.44 -8.47 14.26
CA MET A 179 6.75 -7.35 14.87
C MET A 179 7.09 -6.07 14.13
N VAL A 180 6.16 -5.59 13.33
CA VAL A 180 6.38 -4.38 12.55
C VAL A 180 5.70 -3.18 13.21
N ASP A 181 5.32 -2.18 12.42
CA ASP A 181 4.72 -0.97 12.99
C ASP A 181 3.63 -0.45 12.08
N ALA A 182 2.41 -0.36 12.60
CA ALA A 182 1.26 0.09 11.82
C ALA A 182 1.34 1.56 11.39
N MET A 183 2.17 2.36 12.07
CA MET A 183 2.23 3.80 11.80
C MET A 183 3.45 4.32 11.03
N THR A 184 4.34 3.43 10.60
CA THR A 184 5.53 3.87 9.88
C THR A 184 5.26 4.53 8.53
N ASN A 185 4.12 4.24 7.92
CA ASN A 185 3.75 4.89 6.67
C ASN A 185 3.37 6.35 6.90
N GLN A 186 3.12 6.68 8.16
CA GLN A 186 2.87 8.06 8.59
C GLN A 186 3.96 8.32 9.64
N PRO A 187 5.20 8.45 9.16
CA PRO A 187 6.37 8.50 10.03
C PRO A 187 6.28 9.41 11.24
N LEU A 188 6.90 8.95 12.33
CA LEU A 188 7.02 9.70 13.56
C LEU A 188 8.21 10.65 13.40
N LEU A 189 7.93 11.94 13.48
CA LEU A 189 8.95 12.97 13.31
C LEU A 189 10.22 12.72 14.12
N GLY A 190 11.35 12.61 13.42
CA GLY A 190 12.64 12.44 14.06
C GLY A 190 13.13 11.00 14.24
N TYR A 191 12.35 10.03 13.76
CA TYR A 191 12.70 8.61 13.91
C TYR A 191 13.02 7.91 12.57
N THR A 192 13.81 8.57 11.72
CA THR A 192 14.12 8.06 10.40
C THR A 192 14.72 6.65 10.36
N ILE A 193 15.81 6.43 11.09
CA ILE A 193 16.46 5.12 11.06
C ILE A 193 15.51 4.02 11.51
N TYR A 194 14.80 4.27 12.61
CA TYR A 194 13.86 3.29 13.12
C TYR A 194 12.81 3.00 12.06
N THR A 195 12.26 4.05 11.48
CA THR A 195 11.28 3.91 10.43
C THR A 195 11.84 3.10 9.25
N MET A 196 13.07 3.41 8.87
CA MET A 196 13.72 2.71 7.77
C MET A 196 13.88 1.24 8.10
N ALA A 197 14.35 0.95 9.31
CA ALA A 197 14.57 -0.42 9.75
C ALA A 197 13.26 -1.21 9.70
N LYS A 198 12.16 -0.56 10.08
CA LYS A 198 10.84 -1.18 10.04
C LYS A 198 10.43 -1.46 8.60
N GLY A 199 10.72 -0.53 7.71
CA GLY A 199 10.45 -0.72 6.30
C GLY A 199 11.19 -1.95 5.81
N ALA A 200 12.44 -2.10 6.24
CA ALA A 200 13.25 -3.25 5.86
C ALA A 200 12.64 -4.54 6.40
N LEU A 201 12.16 -4.48 7.64
CA LEU A 201 11.52 -5.64 8.26
C LEU A 201 10.30 -6.07 7.45
N GLU A 202 9.58 -5.08 6.90
CA GLU A 202 8.42 -5.37 6.07
C GLU A 202 8.86 -6.10 4.81
N GLY A 203 9.96 -5.65 4.22
CA GLY A 203 10.53 -6.30 3.07
C GLY A 203 10.97 -7.71 3.39
N LEU A 204 11.57 -7.90 4.55
CA LEU A 204 12.01 -9.22 4.97
C LEU A 204 10.82 -10.17 5.00
N THR A 205 9.70 -9.67 5.53
CA THR A 205 8.49 -10.48 5.65
C THR A 205 8.03 -11.02 4.29
N ARG A 206 7.95 -10.14 3.30
CA ARG A 206 7.48 -10.52 1.99
C ARG A 206 8.47 -11.45 1.31
N SER A 207 9.76 -11.13 1.40
CA SER A 207 10.81 -11.92 0.77
C SER A 207 10.94 -13.30 1.41
N ALA A 208 10.96 -13.33 2.74
CA ALA A 208 11.08 -14.58 3.47
C ALA A 208 9.88 -15.50 3.23
N ALA A 209 8.69 -14.92 3.19
CA ALA A 209 7.49 -15.70 2.97
C ALA A 209 7.58 -16.42 1.63
N LEU A 210 8.00 -15.69 0.60
CA LEU A 210 8.12 -16.26 -0.74
C LEU A 210 9.18 -17.36 -0.82
N GLU A 211 10.39 -17.06 -0.32
CA GLU A 211 11.47 -18.03 -0.39
C GLU A 211 11.25 -19.23 0.48
N LEU A 212 10.63 -19.05 1.63
CA LEU A 212 10.43 -20.14 2.59
C LEU A 212 9.12 -20.90 2.41
N ALA A 213 8.33 -20.50 1.42
CA ALA A 213 7.08 -21.21 1.16
C ALA A 213 7.26 -22.71 0.90
N PRO A 214 8.25 -23.10 0.10
CA PRO A 214 8.44 -24.53 -0.20
C PRO A 214 8.70 -25.37 1.06
N LEU A 215 9.21 -24.76 2.13
CA LEU A 215 9.48 -25.50 3.36
C LEU A 215 8.30 -25.36 4.31
N GLN A 216 7.20 -24.79 3.81
CA GLN A 216 6.00 -24.58 4.61
C GLN A 216 6.25 -23.74 5.87
N ILE A 217 7.18 -22.78 5.76
CA ILE A 217 7.45 -21.87 6.85
C ILE A 217 6.72 -20.58 6.53
N ARG A 218 5.66 -20.29 7.28
CA ARG A 218 4.91 -19.06 7.06
C ARG A 218 5.62 -17.87 7.71
N VAL A 219 5.56 -16.72 7.06
CA VAL A 219 6.17 -15.51 7.60
C VAL A 219 5.20 -14.36 7.49
N ASN A 220 4.79 -13.83 8.62
CA ASN A 220 3.86 -12.73 8.63
C ASN A 220 4.28 -11.62 9.56
N GLY A 221 3.63 -10.47 9.42
CA GLY A 221 3.92 -9.35 10.28
C GLY A 221 2.73 -8.96 11.12
N VAL A 222 3.02 -8.43 12.30
CA VAL A 222 2.00 -7.89 13.17
C VAL A 222 2.47 -6.49 13.53
N GLY A 223 1.67 -5.48 13.22
CA GLY A 223 2.06 -4.11 13.48
C GLY A 223 1.17 -3.38 14.44
N PRO A 224 1.61 -3.23 15.69
CA PRO A 224 0.86 -2.45 16.67
C PRO A 224 0.89 -0.98 16.30
N GLY A 225 0.01 -0.19 16.89
CA GLY A 225 0.01 1.25 16.69
C GLY A 225 0.55 1.87 17.96
N LEU A 226 -0.33 1.95 18.95
CA LEU A 226 0.04 2.41 20.29
C LEU A 226 -0.32 1.31 21.27
N SER A 227 0.69 0.68 21.86
CA SER A 227 0.47 -0.38 22.84
C SER A 227 1.20 -0.11 24.14
N VAL A 228 0.53 -0.40 25.25
CA VAL A 228 1.09 -0.15 26.58
C VAL A 228 2.00 1.08 26.56
N LEU A 229 1.42 2.19 26.11
CA LEU A 229 2.12 3.46 25.96
C LEU A 229 2.79 3.91 27.27
N VAL A 230 4.11 4.12 27.21
CA VAL A 230 4.88 4.57 28.37
C VAL A 230 4.37 5.94 28.82
N ASP A 231 4.16 6.09 30.12
CA ASP A 231 3.61 7.34 30.66
C ASP A 231 4.63 8.28 31.29
N ASP A 232 5.86 8.26 30.77
CA ASP A 232 6.92 9.13 31.27
C ASP A 232 6.74 10.57 30.77
N MET A 233 5.58 11.15 31.05
CA MET A 233 5.24 12.49 30.60
C MET A 233 4.05 12.98 31.40
N PRO A 234 3.67 14.24 31.24
CA PRO A 234 2.49 14.79 31.94
C PRO A 234 1.21 14.02 31.55
N PRO A 235 0.39 13.68 32.54
CA PRO A 235 -0.85 12.93 32.30
C PRO A 235 -1.69 13.46 31.13
N ALA A 236 -1.86 14.78 31.04
CA ALA A 236 -2.65 15.37 29.97
C ALA A 236 -2.03 15.09 28.61
N VAL A 237 -0.71 15.13 28.54
CA VAL A 237 -0.01 14.85 27.29
C VAL A 237 -0.24 13.39 26.91
N TRP A 238 -0.10 12.51 27.89
CA TRP A 238 -0.30 11.08 27.70
C TRP A 238 -1.72 10.75 27.30
N GLU A 239 -2.68 11.49 27.83
CA GLU A 239 -4.08 11.28 27.50
C GLU A 239 -4.38 11.76 26.09
N GLY A 240 -3.80 12.90 25.72
CA GLY A 240 -3.97 13.45 24.38
C GLY A 240 -3.48 12.46 23.33
N HIS A 241 -2.32 11.86 23.59
CA HIS A 241 -1.74 10.86 22.70
C HIS A 241 -2.70 9.68 22.48
N ARG A 242 -3.29 9.16 23.55
CA ARG A 242 -4.22 8.03 23.45
C ARG A 242 -5.52 8.43 22.77
N SER A 243 -5.95 9.64 23.05
CA SER A 243 -7.20 10.15 22.53
C SER A 243 -7.25 10.15 21.01
N LYS A 244 -6.08 10.13 20.38
CA LYS A 244 -6.00 10.15 18.93
C LYS A 244 -6.46 8.85 18.27
N VAL A 245 -6.37 7.74 19.00
CA VAL A 245 -6.79 6.43 18.50
C VAL A 245 -8.31 6.37 18.39
N PRO A 246 -8.84 6.25 17.17
CA PRO A 246 -10.30 6.26 16.95
C PRO A 246 -11.08 5.23 17.79
N LEU A 247 -10.58 4.00 17.91
CA LEU A 247 -11.25 2.95 18.67
C LEU A 247 -10.86 2.92 20.16
N TYR A 248 -11.79 3.28 21.02
CA TYR A 248 -11.60 3.29 22.48
C TYR A 248 -10.87 4.52 22.99
N GLN A 249 -10.20 5.23 22.09
CA GLN A 249 -9.42 6.41 22.46
C GLN A 249 -8.38 6.06 23.50
N ARG A 250 -7.68 4.95 23.26
CA ARG A 250 -6.64 4.51 24.18
C ARG A 250 -5.64 3.61 23.47
N ASP A 251 -4.44 3.53 24.02
CA ASP A 251 -3.45 2.61 23.51
C ASP A 251 -3.95 1.21 23.85
N SER A 252 -3.36 0.20 23.24
CA SER A 252 -3.79 -1.16 23.49
C SER A 252 -3.06 -1.81 24.66
N SER A 253 -3.61 -2.90 25.15
CA SER A 253 -2.95 -3.70 26.16
C SER A 253 -2.02 -4.65 25.42
N ALA A 254 -1.07 -5.23 26.16
CA ALA A 254 -0.13 -6.18 25.56
C ALA A 254 -0.86 -7.40 24.97
N ALA A 255 -1.84 -7.92 25.67
CA ALA A 255 -2.61 -9.06 25.20
C ALA A 255 -3.34 -8.76 23.88
N GLU A 256 -3.86 -7.55 23.74
CA GLU A 256 -4.58 -7.17 22.53
C GLU A 256 -3.71 -7.28 21.26
N VAL A 257 -2.40 -7.28 21.46
CA VAL A 257 -1.46 -7.47 20.37
C VAL A 257 -1.02 -8.94 20.31
N SER A 258 -0.50 -9.45 21.43
CA SER A 258 -0.02 -10.83 21.49
C SER A 258 -1.03 -11.90 21.06
N ASP A 259 -2.30 -11.71 21.41
CA ASP A 259 -3.32 -12.66 20.99
C ASP A 259 -3.33 -12.84 19.46
N VAL A 260 -3.07 -11.75 18.73
CA VAL A 260 -3.03 -11.80 17.27
C VAL A 260 -1.81 -12.59 16.80
N VAL A 261 -0.70 -12.42 17.52
CA VAL A 261 0.53 -13.16 17.20
C VAL A 261 0.29 -14.65 17.38
N ILE A 262 -0.34 -15.00 18.50
CA ILE A 262 -0.69 -16.38 18.80
C ILE A 262 -1.64 -16.99 17.76
N PHE A 263 -2.63 -16.22 17.32
CA PHE A 263 -3.54 -16.72 16.30
C PHE A 263 -2.81 -17.03 15.00
N LEU A 264 -1.98 -16.08 14.54
CA LEU A 264 -1.22 -16.27 13.32
C LEU A 264 -0.27 -17.48 13.40
N CYS A 265 0.05 -17.91 14.61
CA CYS A 265 0.94 -19.05 14.80
C CYS A 265 0.17 -20.37 14.87
N SER A 266 -1.14 -20.29 15.05
CA SER A 266 -1.99 -21.47 15.15
C SER A 266 -2.22 -22.13 13.78
N SER A 267 -2.57 -23.42 13.80
CA SER A 267 -2.81 -24.16 12.56
C SER A 267 -4.00 -23.62 11.77
N LYS A 268 -4.87 -22.87 12.45
CA LYS A 268 -6.03 -22.31 11.77
C LYS A 268 -5.60 -21.17 10.84
N ALA A 269 -4.35 -20.74 10.96
CA ALA A 269 -3.82 -19.68 10.11
C ALA A 269 -2.80 -20.20 9.09
N LYS A 270 -2.85 -21.50 8.80
CA LYS A 270 -1.85 -22.12 7.94
C LYS A 270 -1.85 -21.69 6.47
N TYR A 271 -2.84 -20.91 6.06
CA TYR A 271 -2.87 -20.41 4.70
C TYR A 271 -2.43 -18.95 4.61
N ILE A 272 -2.15 -18.35 5.76
CA ILE A 272 -1.69 -16.96 5.78
C ILE A 272 -0.17 -16.90 5.77
N THR A 273 0.37 -16.12 4.84
CA THR A 273 1.82 -15.87 4.77
C THR A 273 2.13 -14.66 3.91
N GLY A 274 3.16 -13.92 4.32
CA GLY A 274 3.59 -12.73 3.58
C GLY A 274 2.73 -11.50 3.78
N THR A 275 1.89 -11.49 4.82
CA THR A 275 1.01 -10.35 5.06
C THR A 275 1.19 -9.70 6.42
N CYS A 276 0.56 -8.56 6.60
CA CYS A 276 0.60 -7.81 7.85
C CYS A 276 -0.78 -7.71 8.46
N VAL A 277 -0.84 -7.80 9.78
CA VAL A 277 -2.10 -7.56 10.49
C VAL A 277 -1.89 -6.36 11.41
N LYS A 278 -2.59 -5.27 11.11
CA LYS A 278 -2.51 -4.06 11.92
C LYS A 278 -3.34 -4.24 13.18
N VAL A 279 -2.75 -3.93 14.34
CA VAL A 279 -3.46 -3.96 15.59
C VAL A 279 -3.38 -2.54 16.16
N ASP A 280 -4.09 -1.62 15.54
CA ASP A 280 -3.94 -0.21 15.88
C ASP A 280 -5.22 0.54 16.21
N GLY A 281 -6.34 -0.16 16.34
CA GLY A 281 -7.61 0.48 16.66
C GLY A 281 -7.97 1.61 15.70
N GLY A 282 -7.54 1.49 14.45
CA GLY A 282 -7.87 2.46 13.42
C GLY A 282 -6.98 3.69 13.41
N TYR A 283 -5.89 3.67 14.19
CA TYR A 283 -5.00 4.82 14.25
C TYR A 283 -4.43 5.20 12.89
N SER A 284 -4.05 4.19 12.10
CA SER A 284 -3.45 4.46 10.78
C SER A 284 -4.46 5.04 9.77
N LEU A 285 -5.70 5.23 10.21
CA LEU A 285 -6.73 5.81 9.35
C LEU A 285 -6.87 7.31 9.55
N THR A 286 -6.11 7.86 10.50
CA THR A 286 -6.21 9.28 10.83
C THR A 286 -5.33 10.23 10.01
N ARG A 287 -5.70 11.52 10.02
CA ARG A 287 -4.91 12.60 9.40
C ARG A 287 -4.63 13.66 10.46
N ALA A 288 -3.65 14.52 10.19
CA ALA A 288 -3.36 15.64 11.09
C ALA A 288 -4.46 16.68 11.01
N VAL B 6 22.45 29.12 -11.74
CA VAL B 6 22.80 27.73 -12.20
C VAL B 6 22.82 26.73 -11.02
N PRO B 7 21.80 25.88 -10.95
CA PRO B 7 21.68 24.93 -9.85
C PRO B 7 22.62 23.73 -9.99
N VAL B 8 22.82 23.00 -8.90
CA VAL B 8 23.72 21.86 -8.89
C VAL B 8 23.00 20.60 -8.47
N ALA B 9 23.27 19.51 -9.16
CA ALA B 9 22.66 18.22 -8.82
C ALA B 9 23.75 17.20 -8.53
N LEU B 10 23.58 16.46 -7.43
CA LEU B 10 24.51 15.41 -7.06
C LEU B 10 23.86 14.07 -7.38
N VAL B 11 24.45 13.33 -8.32
CA VAL B 11 23.90 12.04 -8.72
C VAL B 11 24.87 10.90 -8.41
N THR B 12 24.51 10.04 -7.46
CA THR B 12 25.34 8.90 -7.09
C THR B 12 25.23 7.78 -8.13
N GLY B 13 26.31 7.04 -8.34
CA GLY B 13 26.34 5.99 -9.35
C GLY B 13 25.93 6.55 -10.71
N ALA B 14 26.55 7.66 -11.11
CA ALA B 14 26.17 8.38 -12.33
C ALA B 14 26.92 7.96 -13.60
N ALA B 15 27.85 7.03 -13.46
CA ALA B 15 28.72 6.64 -14.57
C ALA B 15 27.99 5.99 -15.76
N LYS B 16 27.11 5.04 -15.49
CA LYS B 16 26.42 4.34 -16.57
C LYS B 16 24.93 4.13 -16.34
N ARG B 17 24.30 3.47 -17.31
CA ARG B 17 22.88 3.12 -17.25
C ARG B 17 21.96 4.23 -16.78
N LEU B 18 21.09 3.94 -15.81
CA LEU B 18 20.11 4.91 -15.33
C LEU B 18 20.74 6.17 -14.70
N GLY B 19 21.82 5.98 -13.94
CA GLY B 19 22.54 7.09 -13.33
C GLY B 19 23.01 8.12 -14.34
N ARG B 20 23.59 7.64 -15.43
CA ARG B 20 24.07 8.52 -16.49
C ARG B 20 22.90 9.25 -17.12
N SER B 21 21.86 8.50 -17.47
CA SER B 21 20.68 9.10 -18.08
C SER B 21 20.11 10.21 -17.21
N ILE B 22 20.06 9.99 -15.90
CA ILE B 22 19.57 11.01 -14.98
C ILE B 22 20.47 12.25 -15.00
N ALA B 23 21.78 12.03 -14.94
CA ALA B 23 22.76 13.11 -15.00
C ALA B 23 22.64 13.91 -16.30
N GLU B 24 22.56 13.20 -17.42
CA GLU B 24 22.40 13.83 -18.72
C GLU B 24 21.10 14.62 -18.74
N GLY B 25 20.03 13.99 -18.23
CA GLY B 25 18.73 14.64 -18.19
C GLY B 25 18.76 15.96 -17.45
N LEU B 26 19.38 15.95 -16.27
CA LEU B 26 19.48 17.15 -15.44
C LEU B 26 20.40 18.19 -16.09
N HIS B 27 21.49 17.72 -16.67
CA HIS B 27 22.42 18.60 -17.35
C HIS B 27 21.72 19.33 -18.50
N ALA B 28 20.85 18.60 -19.21
CA ALA B 28 20.10 19.19 -20.32
C ALA B 28 19.14 20.28 -19.83
N GLU B 29 18.81 20.23 -18.55
CA GLU B 29 17.90 21.21 -17.97
C GLU B 29 18.63 22.43 -17.43
N GLY B 30 19.96 22.40 -17.48
CA GLY B 30 20.76 23.54 -17.04
C GLY B 30 21.54 23.31 -15.77
N TYR B 31 21.40 22.12 -15.18
CA TYR B 31 22.08 21.82 -13.92
C TYR B 31 23.56 21.55 -14.13
N ALA B 32 24.37 22.00 -13.18
CA ALA B 32 25.77 21.56 -13.12
C ALA B 32 25.67 20.26 -12.34
N VAL B 33 26.42 19.24 -12.74
CA VAL B 33 26.24 17.91 -12.17
C VAL B 33 27.50 17.31 -11.54
N CYS B 34 27.39 16.88 -10.29
CA CYS B 34 28.48 16.20 -9.63
C CYS B 34 28.26 14.69 -9.78
N LEU B 35 29.03 14.06 -10.66
CA LEU B 35 28.88 12.64 -10.99
C LEU B 35 29.62 11.74 -10.03
N HIS B 36 28.88 10.99 -9.24
CA HIS B 36 29.49 10.07 -8.30
C HIS B 36 29.75 8.73 -8.96
N TYR B 37 30.77 8.03 -8.46
CA TYR B 37 31.11 6.71 -8.96
C TYR B 37 31.95 5.96 -7.94
N HIS B 38 31.98 4.64 -8.07
CA HIS B 38 32.79 3.81 -7.18
C HIS B 38 33.90 3.13 -7.97
N ARG B 39 33.53 2.22 -8.88
CA ARG B 39 34.52 1.48 -9.66
C ARG B 39 34.63 1.91 -11.13
N SER B 40 33.64 2.65 -11.62
CA SER B 40 33.61 3.06 -13.02
C SER B 40 34.23 4.44 -13.28
N ALA B 41 35.50 4.60 -12.96
CA ALA B 41 36.19 5.87 -13.15
C ALA B 41 36.24 6.29 -14.61
N ALA B 42 36.54 5.34 -15.49
CA ALA B 42 36.64 5.61 -16.91
C ALA B 42 35.35 6.16 -17.49
N GLU B 43 34.24 5.47 -17.26
CA GLU B 43 32.95 5.92 -17.79
C GLU B 43 32.56 7.27 -17.21
N ALA B 44 32.80 7.45 -15.91
CA ALA B 44 32.43 8.69 -15.21
C ALA B 44 33.19 9.89 -15.78
N ASN B 45 34.50 9.71 -15.95
CA ASN B 45 35.34 10.77 -16.52
C ASN B 45 34.98 11.09 -17.97
N ALA B 46 34.59 10.07 -18.72
CA ALA B 46 34.17 10.25 -20.10
C ALA B 46 32.89 11.08 -20.14
N LEU B 47 32.00 10.82 -19.18
CA LEU B 47 30.74 11.56 -19.10
C LEU B 47 30.98 13.01 -18.72
N SER B 48 31.89 13.22 -17.76
CA SER B 48 32.25 14.56 -17.30
C SER B 48 32.81 15.34 -18.47
N ALA B 49 33.69 14.70 -19.24
CA ALA B 49 34.31 15.30 -20.41
C ALA B 49 33.26 15.72 -21.42
N THR B 50 32.30 14.84 -21.71
CA THR B 50 31.26 15.17 -22.66
C THR B 50 30.47 16.38 -22.22
N LEU B 51 30.01 16.35 -20.95
CA LEU B 51 29.19 17.42 -20.40
C LEU B 51 29.96 18.74 -20.34
N ASN B 52 31.20 18.68 -19.85
CA ASN B 52 32.04 19.87 -19.78
C ASN B 52 32.27 20.50 -21.16
N ALA B 53 32.47 19.66 -22.17
CA ALA B 53 32.65 20.13 -23.54
C ALA B 53 31.38 20.84 -24.02
N ARG B 54 30.22 20.30 -23.62
CA ARG B 54 28.93 20.93 -23.99
C ARG B 54 28.75 22.26 -23.27
N ARG B 55 29.25 22.33 -22.05
CA ARG B 55 29.11 23.51 -21.21
C ARG B 55 30.25 23.51 -20.20
N PRO B 56 31.17 24.45 -20.36
CA PRO B 56 32.35 24.52 -19.48
C PRO B 56 31.96 24.54 -18.02
N ASN B 57 32.71 23.81 -17.20
CA ASN B 57 32.50 23.77 -15.74
C ASN B 57 31.06 23.38 -15.35
N SER B 58 30.52 22.39 -16.05
CA SER B 58 29.16 21.93 -15.78
C SER B 58 29.14 20.49 -15.27
N ALA B 59 30.32 19.95 -14.95
CA ALA B 59 30.42 18.58 -14.47
C ALA B 59 31.72 18.26 -13.76
N ILE B 60 31.63 17.50 -12.67
CA ILE B 60 32.80 17.02 -11.93
C ILE B 60 32.48 15.59 -11.54
N THR B 61 33.49 14.87 -11.06
CA THR B 61 33.27 13.51 -10.60
C THR B 61 33.93 13.27 -9.25
N VAL B 62 33.27 12.47 -8.41
CA VAL B 62 33.81 12.13 -7.10
C VAL B 62 33.66 10.64 -6.87
N GLN B 63 34.71 10.02 -6.35
CA GLN B 63 34.72 8.57 -6.12
C GLN B 63 34.41 8.32 -4.67
N ALA B 64 33.66 7.25 -4.40
CA ALA B 64 33.33 6.90 -3.03
C ALA B 64 32.62 5.57 -2.92
N ASP B 65 33.13 4.71 -2.03
CA ASP B 65 32.46 3.46 -1.72
C ASP B 65 31.34 3.80 -0.75
N LEU B 66 30.10 3.52 -1.15
CA LEU B 66 28.94 3.82 -0.34
C LEU B 66 28.50 2.63 0.51
N SER B 67 29.35 1.62 0.58
CA SER B 67 29.07 0.50 1.44
C SER B 67 29.23 0.94 2.90
N ASN B 68 28.44 0.36 3.79
CA ASN B 68 28.51 0.71 5.20
C ASN B 68 29.76 0.15 5.90
N VAL B 69 30.93 0.59 5.45
CA VAL B 69 32.22 0.16 6.02
C VAL B 69 33.15 1.36 6.14
N ALA B 70 34.17 1.23 6.99
CA ALA B 70 35.20 2.27 7.13
C ALA B 70 36.30 2.05 6.10
N THR B 71 36.89 3.13 5.61
CA THR B 71 37.95 3.01 4.61
C THR B 71 39.30 3.52 5.09
N ALA B 72 40.31 3.39 4.22
CA ALA B 72 41.66 3.86 4.50
C ALA B 72 41.73 5.36 4.33
N PRO B 73 42.43 6.02 5.26
CA PRO B 73 42.58 7.49 5.22
C PRO B 73 43.69 7.91 4.26
N ALA B 81 43.41 7.54 11.15
CA ALA B 81 42.08 7.14 11.60
C ALA B 81 41.19 6.77 10.41
N PRO B 82 40.53 5.61 10.48
CA PRO B 82 39.68 5.10 9.41
C PRO B 82 38.56 6.09 9.08
N VAL B 83 38.17 6.16 7.81
CA VAL B 83 37.11 7.07 7.37
C VAL B 83 35.76 6.34 7.30
N THR B 84 34.77 6.87 8.00
CA THR B 84 33.44 6.25 8.03
C THR B 84 32.58 6.61 6.81
N LEU B 85 31.51 5.86 6.63
CA LEU B 85 30.58 6.10 5.52
C LEU B 85 29.97 7.49 5.60
N PHE B 86 29.58 7.91 6.80
CA PHE B 86 29.00 9.23 6.98
C PHE B 86 29.94 10.32 6.46
N THR B 87 31.18 10.32 6.96
CA THR B 87 32.18 11.28 6.51
C THR B 87 32.24 11.27 4.99
N ARG B 88 32.37 10.08 4.42
CA ARG B 88 32.45 9.93 2.98
C ARG B 88 31.24 10.54 2.27
N CYS B 89 30.07 10.43 2.90
CA CYS B 89 28.86 11.00 2.33
C CYS B 89 28.87 12.51 2.49
N ALA B 90 29.29 12.98 3.65
CA ALA B 90 29.34 14.42 3.88
C ALA B 90 30.29 15.08 2.90
N GLU B 91 31.41 14.42 2.62
CA GLU B 91 32.40 14.93 1.66
C GLU B 91 31.80 14.98 0.24
N LEU B 92 30.95 14.01 -0.07
CA LEU B 92 30.26 13.97 -1.36
C LEU B 92 29.47 15.25 -1.57
N VAL B 93 28.68 15.62 -0.56
CA VAL B 93 27.86 16.81 -0.62
C VAL B 93 28.75 18.05 -0.58
N ALA B 94 29.78 17.99 0.27
CA ALA B 94 30.72 19.10 0.40
C ALA B 94 31.40 19.42 -0.94
N ALA B 95 31.75 18.37 -1.68
CA ALA B 95 32.39 18.56 -2.98
C ALA B 95 31.58 19.51 -3.85
N CYS B 96 30.26 19.47 -3.70
CA CYS B 96 29.38 20.33 -4.47
C CYS B 96 29.51 21.77 -4.02
N TYR B 97 29.45 21.98 -2.72
CA TYR B 97 29.56 23.31 -2.14
C TYR B 97 30.94 23.94 -2.39
N THR B 98 31.99 23.14 -2.22
CA THR B 98 33.36 23.61 -2.46
C THR B 98 33.56 24.08 -3.91
N HIS B 99 32.97 23.37 -4.85
CA HIS B 99 33.17 23.67 -6.26
C HIS B 99 32.22 24.70 -6.85
N TRP B 100 30.96 24.65 -6.44
CA TRP B 100 29.93 25.53 -7.03
C TRP B 100 29.18 26.35 -5.99
N GLY B 101 29.53 26.17 -4.71
CA GLY B 101 28.88 26.89 -3.64
C GLY B 101 27.42 26.52 -3.41
N ARG B 102 26.99 25.37 -3.91
CA ARG B 102 25.59 24.94 -3.76
C ARG B 102 25.31 23.47 -4.11
N CYS B 103 24.16 23.00 -3.66
CA CYS B 103 23.69 21.64 -3.94
C CYS B 103 22.17 21.64 -3.87
N ASP B 104 21.52 21.74 -5.02
CA ASP B 104 20.07 21.85 -5.06
C ASP B 104 19.33 20.52 -5.15
N VAL B 105 19.92 19.57 -5.85
CA VAL B 105 19.28 18.28 -6.07
C VAL B 105 20.22 17.14 -5.72
N LEU B 106 19.67 16.12 -5.06
CA LEU B 106 20.41 14.92 -4.74
C LEU B 106 19.62 13.75 -5.26
N VAL B 107 20.27 12.91 -6.06
CA VAL B 107 19.63 11.72 -6.57
C VAL B 107 20.34 10.49 -6.04
N ASN B 108 19.65 9.74 -5.18
CA ASN B 108 20.22 8.53 -4.63
C ASN B 108 19.98 7.40 -5.58
N ASN B 109 20.91 7.25 -6.52
CA ASN B 109 20.78 6.24 -7.57
C ASN B 109 21.70 5.02 -7.40
N ALA B 110 22.89 5.23 -6.85
CA ALA B 110 23.83 4.14 -6.66
C ALA B 110 23.18 2.99 -5.90
N SER B 111 23.46 1.75 -6.32
CA SER B 111 22.85 0.59 -5.71
C SER B 111 23.49 -0.74 -6.11
N SER B 112 23.78 -1.58 -5.13
CA SER B 112 24.29 -2.93 -5.40
C SER B 112 23.07 -3.84 -5.54
N PHE B 113 23.21 -4.89 -6.32
CA PHE B 113 22.10 -5.78 -6.57
C PHE B 113 22.58 -7.19 -6.90
N TYR B 114 22.54 -8.07 -5.91
CA TYR B 114 22.88 -9.47 -6.10
C TYR B 114 22.20 -10.36 -5.06
N PRO B 115 22.11 -11.65 -5.34
CA PRO B 115 21.41 -12.61 -4.46
C PRO B 115 22.00 -12.78 -3.07
N THR B 116 21.12 -12.89 -2.08
CA THR B 116 21.49 -13.25 -0.71
C THR B 116 20.46 -14.27 -0.27
N PRO B 117 20.60 -15.49 -0.77
CA PRO B 117 19.63 -16.56 -0.53
C PRO B 117 19.54 -16.93 0.94
N LEU B 118 18.34 -17.30 1.40
CA LEU B 118 18.14 -17.77 2.76
C LEU B 118 18.43 -19.25 2.81
N LEU B 119 18.20 -19.93 1.70
CA LEU B 119 18.47 -21.36 1.57
C LEU B 119 19.67 -21.62 0.66
N ARG B 120 20.16 -22.86 0.65
CA ARG B 120 21.31 -23.23 -0.17
C ARG B 120 20.90 -23.76 -1.55
N GLY B 131 35.31 -17.36 3.80
CA GLY B 131 34.32 -17.40 2.74
C GLY B 131 32.94 -16.96 3.19
N ASP B 132 32.07 -17.92 3.48
CA ASP B 132 30.69 -17.64 3.90
C ASP B 132 30.60 -16.55 4.97
N ARG B 133 31.64 -16.41 5.78
CA ARG B 133 31.66 -15.40 6.83
C ARG B 133 31.80 -13.99 6.28
N GLU B 134 32.83 -13.79 5.45
CA GLU B 134 33.09 -12.47 4.87
C GLU B 134 32.06 -12.14 3.79
N ALA B 135 31.54 -13.16 3.13
CA ALA B 135 30.55 -12.98 2.08
C ALA B 135 29.24 -12.43 2.64
N MET B 136 28.80 -12.96 3.77
CA MET B 136 27.55 -12.52 4.37
C MET B 136 27.69 -11.15 5.00
N GLU B 137 28.83 -10.91 5.63
CA GLU B 137 29.08 -9.63 6.29
C GLU B 137 29.35 -8.49 5.32
N THR B 138 29.91 -8.82 4.16
CA THR B 138 30.24 -7.84 3.14
C THR B 138 29.01 -7.46 2.32
N ALA B 139 28.14 -8.44 2.08
CA ALA B 139 26.91 -8.19 1.33
C ALA B 139 25.98 -7.25 2.08
N THR B 140 25.89 -7.47 3.39
CA THR B 140 25.04 -6.67 4.24
C THR B 140 25.45 -5.22 4.20
N ALA B 141 26.74 -4.97 4.44
CA ALA B 141 27.25 -3.61 4.44
C ALA B 141 27.10 -2.98 3.06
N ASP B 142 27.41 -3.75 2.02
CA ASP B 142 27.33 -3.27 0.65
C ASP B 142 25.89 -2.99 0.21
N LEU B 143 25.03 -4.00 0.31
CA LEU B 143 23.64 -3.88 -0.13
C LEU B 143 22.87 -2.83 0.65
N PHE B 144 23.07 -2.81 1.97
CA PHE B 144 22.38 -1.87 2.82
C PHE B 144 23.00 -0.48 2.77
N GLY B 145 24.32 -0.42 2.55
CA GLY B 145 25.01 0.85 2.50
C GLY B 145 24.56 1.67 1.31
N SER B 146 24.73 1.09 0.12
CA SER B 146 24.42 1.76 -1.13
C SER B 146 22.95 2.12 -1.26
N ASN B 147 22.09 1.17 -0.92
CA ASN B 147 20.65 1.32 -1.10
C ASN B 147 19.91 2.11 -0.03
N ALA B 148 20.47 2.17 1.18
CA ALA B 148 19.74 2.76 2.29
C ALA B 148 20.53 3.71 3.18
N ILE B 149 21.58 3.19 3.80
CA ILE B 149 22.36 3.97 4.76
C ILE B 149 23.12 5.17 4.16
N ALA B 150 23.77 4.98 3.02
CA ALA B 150 24.43 6.10 2.36
C ALA B 150 23.41 7.18 2.00
N PRO B 151 22.29 6.79 1.38
CA PRO B 151 21.22 7.75 1.08
C PRO B 151 20.79 8.52 2.33
N TYR B 152 20.72 7.84 3.47
CA TYR B 152 20.33 8.50 4.72
C TYR B 152 21.35 9.58 5.07
N PHE B 153 22.62 9.20 5.13
CA PHE B 153 23.70 10.14 5.46
C PHE B 153 23.77 11.27 4.44
N LEU B 154 23.64 10.91 3.16
CA LEU B 154 23.66 11.90 2.10
C LEU B 154 22.54 12.91 2.31
N ILE B 155 21.33 12.42 2.63
CA ILE B 155 20.21 13.31 2.87
C ILE B 155 20.50 14.21 4.08
N LYS B 156 21.04 13.61 5.14
CA LYS B 156 21.40 14.36 6.34
C LYS B 156 22.36 15.49 5.99
N ALA B 157 23.45 15.14 5.30
CA ALA B 157 24.44 16.13 4.89
C ALA B 157 23.80 17.20 4.04
N PHE B 158 22.98 16.76 3.08
CA PHE B 158 22.28 17.69 2.17
C PHE B 158 21.43 18.69 2.95
N ALA B 159 20.67 18.18 3.92
CA ALA B 159 19.80 19.01 4.74
C ALA B 159 20.58 19.97 5.65
N HIS B 160 21.67 19.47 6.24
CA HIS B 160 22.50 20.29 7.13
C HIS B 160 23.07 21.51 6.40
N ARG B 161 23.40 21.32 5.13
CA ARG B 161 23.96 22.41 4.35
C ARG B 161 22.91 23.47 4.02
N VAL B 162 21.70 23.02 3.73
CA VAL B 162 20.60 23.95 3.45
C VAL B 162 20.27 24.72 4.72
N ALA B 163 20.08 24.01 5.83
CA ALA B 163 19.76 24.64 7.11
C ALA B 163 20.84 25.67 7.50
N GLY B 164 22.11 25.33 7.27
CA GLY B 164 23.22 26.21 7.60
C GLY B 164 23.37 27.38 6.63
N THR B 165 22.55 27.38 5.57
CA THR B 165 22.53 28.47 4.61
C THR B 165 21.46 29.49 5.05
N PRO B 166 21.84 30.76 5.13
CA PRO B 166 20.90 31.82 5.48
C PRO B 166 19.72 31.84 4.50
N ALA B 167 18.51 31.93 5.02
CA ALA B 167 17.28 31.89 4.22
C ALA B 167 17.38 32.65 2.87
N LYS B 168 17.79 33.92 2.93
CA LYS B 168 17.88 34.77 1.75
C LYS B 168 18.80 34.25 0.65
N HIS B 169 19.70 33.33 0.99
CA HIS B 169 20.65 32.79 0.01
C HIS B 169 20.34 31.36 -0.39
N ARG B 170 19.20 30.85 0.06
CA ARG B 170 18.81 29.47 -0.26
C ARG B 170 18.23 29.36 -1.67
N GLY B 171 18.38 28.19 -2.27
CA GLY B 171 17.78 27.92 -3.56
C GLY B 171 16.26 27.85 -3.43
N THR B 172 15.56 27.90 -4.55
CA THR B 172 14.11 27.94 -4.54
C THR B 172 13.49 26.60 -4.93
N ASN B 173 14.33 25.60 -5.17
CA ASN B 173 13.82 24.31 -5.60
C ASN B 173 14.71 23.12 -5.20
N TYR B 174 14.77 22.84 -3.90
CA TYR B 174 15.54 21.70 -3.40
C TYR B 174 14.71 20.44 -3.62
N SER B 175 15.35 19.40 -4.15
CA SER B 175 14.64 18.18 -4.47
C SER B 175 15.54 16.97 -4.36
N ILE B 176 15.11 15.98 -3.59
CA ILE B 176 15.87 14.75 -3.41
C ILE B 176 15.08 13.58 -4.01
N ILE B 177 15.71 12.85 -4.92
CA ILE B 177 15.04 11.70 -5.52
C ILE B 177 15.70 10.41 -5.12
N ASN B 178 14.90 9.50 -4.57
CA ASN B 178 15.40 8.19 -4.19
C ASN B 178 14.98 7.16 -5.21
N MET B 179 15.95 6.54 -5.86
CA MET B 179 15.66 5.49 -6.82
C MET B 179 15.28 4.22 -6.06
N VAL B 180 13.99 3.92 -6.07
CA VAL B 180 13.49 2.74 -5.40
C VAL B 180 13.21 1.63 -6.41
N ASP B 181 12.26 0.73 -6.11
CA ASP B 181 12.00 -0.41 -6.99
C ASP B 181 10.51 -0.71 -7.03
N ALA B 182 9.92 -0.63 -8.21
CA ALA B 182 8.50 -0.88 -8.36
C ALA B 182 8.06 -2.32 -8.03
N MET B 183 9.01 -3.26 -8.04
CA MET B 183 8.67 -4.68 -7.88
C MET B 183 8.98 -5.33 -6.52
N THR B 184 9.55 -4.57 -5.58
CA THR B 184 9.92 -5.14 -4.28
C THR B 184 8.75 -5.71 -3.45
N ASN B 185 7.53 -5.25 -3.72
CA ASN B 185 6.36 -5.78 -3.02
C ASN B 185 6.00 -7.17 -3.53
N GLN B 186 6.59 -7.53 -4.67
CA GLN B 186 6.49 -8.86 -5.25
C GLN B 186 7.94 -9.34 -5.36
N PRO B 187 8.54 -9.63 -4.22
CA PRO B 187 9.98 -9.89 -4.12
C PRO B 187 10.58 -10.83 -5.15
N LEU B 188 11.81 -10.51 -5.54
CA LEU B 188 12.57 -11.32 -6.45
C LEU B 188 13.23 -12.42 -5.62
N LEU B 189 12.85 -13.67 -5.92
CA LEU B 189 13.35 -14.82 -5.19
C LEU B 189 14.87 -14.79 -4.97
N GLY B 190 15.27 -14.82 -3.70
CA GLY B 190 16.68 -14.89 -3.38
C GLY B 190 17.39 -13.56 -3.21
N TYR B 191 16.64 -12.45 -3.20
CA TYR B 191 17.24 -11.12 -3.05
C TYR B 191 16.74 -10.39 -1.80
N THR B 192 16.63 -11.11 -0.69
CA THR B 192 16.12 -10.56 0.56
C THR B 192 16.76 -9.26 1.05
N ILE B 193 18.09 -9.25 1.21
CA ILE B 193 18.76 -8.04 1.70
C ILE B 193 18.48 -6.85 0.79
N TYR B 194 18.65 -7.04 -0.51
CA TYR B 194 18.39 -5.96 -1.45
C TYR B 194 16.95 -5.47 -1.27
N THR B 195 16.02 -6.40 -1.22
CA THR B 195 14.61 -6.06 -1.06
C THR B 195 14.39 -5.30 0.27
N MET B 196 15.08 -5.73 1.32
CA MET B 196 14.98 -5.08 2.61
C MET B 196 15.50 -3.65 2.52
N ALA B 197 16.65 -3.49 1.88
CA ALA B 197 17.28 -2.17 1.75
C ALA B 197 16.37 -1.21 1.00
N LYS B 198 15.68 -1.73 -0.01
CA LYS B 198 14.76 -0.92 -0.80
C LYS B 198 13.57 -0.50 0.06
N GLY B 199 13.11 -1.42 0.90
CA GLY B 199 12.05 -1.11 1.82
C GLY B 199 12.46 0.01 2.76
N ALA B 200 13.72 -0.04 3.22
CA ALA B 200 14.26 1.00 4.09
C ALA B 200 14.34 2.32 3.34
N LEU B 201 14.68 2.25 2.06
CA LEU B 201 14.77 3.45 1.24
C LEU B 201 13.39 4.09 1.09
N GLU B 202 12.35 3.27 1.02
CA GLU B 202 11.00 3.78 0.92
C GLU B 202 10.65 4.50 2.23
N GLY B 203 11.12 3.94 3.34
CA GLY B 203 10.93 4.54 4.65
C GLY B 203 11.63 5.87 4.75
N LEU B 204 12.86 5.92 4.22
CA LEU B 204 13.64 7.15 4.23
C LEU B 204 12.94 8.26 3.45
N THR B 205 12.33 7.89 2.33
CA THR B 205 11.59 8.85 1.52
C THR B 205 10.45 9.50 2.31
N ARG B 206 9.65 8.68 2.98
CA ARG B 206 8.50 9.20 3.72
C ARG B 206 8.94 10.04 4.92
N SER B 207 9.87 9.49 5.71
CA SER B 207 10.40 10.19 6.87
C SER B 207 11.11 11.50 6.49
N ALA B 208 12.01 11.44 5.51
CA ALA B 208 12.75 12.63 5.11
C ALA B 208 11.83 13.72 4.58
N ALA B 209 10.84 13.31 3.79
CA ALA B 209 9.89 14.27 3.25
C ALA B 209 9.22 15.05 4.38
N LEU B 210 8.74 14.31 5.39
CA LEU B 210 8.07 14.95 6.51
C LEU B 210 9.00 15.87 7.29
N GLU B 211 10.15 15.36 7.70
CA GLU B 211 11.07 16.16 8.50
C GLU B 211 11.63 17.37 7.75
N LEU B 212 11.88 17.21 6.45
CA LEU B 212 12.50 18.27 5.67
C LEU B 212 11.51 19.25 5.03
N ALA B 213 10.22 19.03 5.24
CA ALA B 213 9.21 19.92 4.69
C ALA B 213 9.41 21.39 5.06
N PRO B 214 9.67 21.67 6.34
CA PRO B 214 9.86 23.06 6.77
C PRO B 214 10.98 23.77 6.02
N LEU B 215 11.96 23.02 5.50
CA LEU B 215 13.05 23.61 4.73
C LEU B 215 12.72 23.64 3.25
N GLN B 216 11.52 23.22 2.90
CA GLN B 216 11.10 23.17 1.51
C GLN B 216 11.99 22.26 0.67
N ILE B 217 12.49 21.20 1.28
CA ILE B 217 13.24 20.17 0.57
C ILE B 217 12.28 19.02 0.30
N ARG B 218 11.91 18.84 -0.96
CA ARG B 218 11.01 17.76 -1.34
C ARG B 218 11.79 16.45 -1.46
N VAL B 219 11.18 15.36 -1.03
CA VAL B 219 11.80 14.04 -1.13
C VAL B 219 10.82 13.03 -1.72
N ASN B 220 11.16 12.50 -2.88
CA ASN B 220 10.30 11.54 -3.57
C ASN B 220 11.05 10.32 -4.06
N GLY B 221 10.31 9.29 -4.44
CA GLY B 221 10.91 8.09 -4.93
C GLY B 221 10.46 7.79 -6.34
N VAL B 222 11.38 7.24 -7.13
CA VAL B 222 11.08 6.80 -8.47
C VAL B 222 11.45 5.33 -8.52
N GLY B 223 10.51 4.49 -8.90
CA GLY B 223 10.75 3.07 -8.91
C GLY B 223 10.57 2.42 -10.26
N PRO B 224 11.69 2.12 -10.94
CA PRO B 224 11.65 1.38 -12.20
C PRO B 224 11.25 -0.07 -11.94
N GLY B 225 10.84 -0.76 -13.00
CA GLY B 225 10.51 -2.17 -12.91
C GLY B 225 11.64 -2.90 -13.60
N LEU B 226 11.57 -2.96 -14.93
CA LEU B 226 12.63 -3.53 -15.73
C LEU B 226 13.15 -2.44 -16.67
N SER B 227 14.38 -1.97 -16.42
CA SER B 227 14.99 -0.95 -17.27
C SER B 227 16.34 -1.43 -17.77
N VAL B 228 16.56 -1.30 -19.07
CA VAL B 228 17.80 -1.75 -19.73
C VAL B 228 18.29 -3.06 -19.10
N LEU B 229 17.51 -4.12 -19.30
CA LEU B 229 17.77 -5.44 -18.72
C LEU B 229 19.03 -6.12 -19.26
N VAL B 230 19.96 -6.46 -18.36
CA VAL B 230 21.19 -7.17 -18.73
C VAL B 230 20.84 -8.57 -19.28
N ASP B 231 21.42 -8.92 -20.42
CA ASP B 231 21.07 -10.16 -21.14
C ASP B 231 22.02 -11.34 -20.97
N ASP B 232 22.64 -11.47 -19.79
CA ASP B 232 23.56 -12.58 -19.55
C ASP B 232 22.82 -13.92 -19.43
N MET B 233 22.02 -14.24 -20.44
CA MET B 233 21.24 -15.48 -20.42
C MET B 233 20.72 -15.81 -21.82
N PRO B 234 20.21 -17.03 -22.00
CA PRO B 234 19.63 -17.45 -23.28
C PRO B 234 18.60 -16.42 -23.76
N PRO B 235 18.69 -16.01 -25.03
CA PRO B 235 17.77 -15.02 -25.59
C PRO B 235 16.30 -15.27 -25.22
N ALA B 236 15.87 -16.53 -25.30
CA ALA B 236 14.49 -16.89 -24.98
C ALA B 236 14.12 -16.52 -23.53
N VAL B 237 15.10 -16.60 -22.63
CA VAL B 237 14.87 -16.23 -21.24
C VAL B 237 14.87 -14.71 -21.08
N TRP B 238 15.63 -14.02 -21.94
CA TRP B 238 15.66 -12.57 -21.91
C TRP B 238 14.34 -12.05 -22.46
N GLU B 239 13.89 -12.65 -23.56
CA GLU B 239 12.63 -12.28 -24.20
C GLU B 239 11.43 -12.60 -23.32
N GLY B 240 11.52 -13.71 -22.58
CA GLY B 240 10.45 -14.13 -21.69
C GLY B 240 10.20 -13.13 -20.57
N HIS B 241 11.28 -12.60 -20.00
CA HIS B 241 11.17 -11.61 -18.95
C HIS B 241 10.48 -10.34 -19.47
N ARG B 242 10.98 -9.82 -20.59
CA ARG B 242 10.41 -8.63 -21.20
C ARG B 242 8.95 -8.84 -21.55
N SER B 243 8.65 -9.98 -22.13
CA SER B 243 7.29 -10.32 -22.55
C SER B 243 6.27 -10.18 -21.42
N LYS B 244 6.73 -10.24 -20.17
CA LYS B 244 5.84 -10.16 -19.01
C LYS B 244 5.28 -8.75 -18.74
N VAL B 245 6.04 -7.71 -19.07
CA VAL B 245 5.62 -6.32 -18.88
C VAL B 245 4.43 -6.01 -19.78
N PRO B 246 3.27 -5.75 -19.18
CA PRO B 246 2.04 -5.53 -19.96
C PRO B 246 2.12 -4.40 -20.99
N LEU B 247 2.85 -3.33 -20.68
CA LEU B 247 2.99 -2.23 -21.64
C LEU B 247 4.25 -2.38 -22.52
N TYR B 248 4.02 -2.62 -23.81
CA TYR B 248 5.10 -2.77 -24.81
C TYR B 248 5.80 -4.13 -24.79
N GLN B 249 5.58 -4.90 -23.74
CA GLN B 249 6.24 -6.20 -23.59
C GLN B 249 7.75 -6.08 -23.70
N ARG B 250 8.31 -5.06 -23.06
CA ARG B 250 9.75 -4.83 -23.08
C ARG B 250 10.19 -4.05 -21.85
N ASP B 251 11.46 -4.16 -21.51
CA ASP B 251 12.02 -3.37 -20.43
C ASP B 251 12.06 -1.92 -20.92
N SER B 252 12.26 -0.99 -20.01
CA SER B 252 12.29 0.41 -20.40
C SER B 252 13.68 0.86 -20.81
N SER B 253 13.73 2.03 -21.46
CA SER B 253 14.99 2.65 -21.80
C SER B 253 15.38 3.50 -20.59
N ALA B 254 16.64 3.89 -20.52
CA ALA B 254 17.10 4.75 -19.43
C ALA B 254 16.34 6.09 -19.38
N ALA B 255 16.12 6.68 -20.55
CA ALA B 255 15.41 7.97 -20.65
C ALA B 255 13.97 7.87 -20.12
N GLU B 256 13.32 6.72 -20.35
CA GLU B 256 11.95 6.52 -19.90
C GLU B 256 11.82 6.56 -18.38
N VAL B 257 12.94 6.38 -17.70
CA VAL B 257 12.96 6.50 -16.24
C VAL B 257 13.45 7.88 -15.84
N SER B 258 14.63 8.25 -16.34
CA SER B 258 15.26 9.53 -15.99
C SER B 258 14.40 10.77 -16.28
N ASP B 259 13.57 10.72 -17.31
CA ASP B 259 12.70 11.84 -17.63
C ASP B 259 11.77 12.12 -16.46
N VAL B 260 11.31 11.05 -15.80
CA VAL B 260 10.43 11.19 -14.66
C VAL B 260 11.19 11.82 -13.50
N VAL B 261 12.44 11.41 -13.30
CA VAL B 261 13.27 11.97 -12.26
C VAL B 261 13.41 13.48 -12.48
N ILE B 262 13.69 13.86 -13.73
CA ILE B 262 13.86 15.26 -14.08
C ILE B 262 12.57 16.07 -13.82
N PHE B 263 11.43 15.51 -14.19
CA PHE B 263 10.18 16.23 -13.97
C PHE B 263 9.96 16.47 -12.48
N LEU B 264 10.17 15.44 -11.67
CA LEU B 264 9.98 15.58 -10.22
C LEU B 264 10.92 16.63 -9.62
N CYS B 265 11.99 16.95 -10.34
CA CYS B 265 12.94 17.95 -9.88
C CYS B 265 12.56 19.35 -10.35
N SER B 266 11.69 19.43 -11.34
CA SER B 266 11.27 20.71 -11.90
C SER B 266 10.35 21.48 -10.95
N SER B 267 10.30 22.79 -11.12
CA SER B 267 9.45 23.61 -10.28
C SER B 267 7.97 23.28 -10.45
N LYS B 268 7.60 22.64 -11.56
CA LYS B 268 6.20 22.31 -11.78
C LYS B 268 5.76 21.19 -10.83
N ALA B 269 6.73 20.52 -10.22
CA ALA B 269 6.44 19.45 -9.27
C ALA B 269 6.64 19.89 -7.79
N LYS B 270 6.63 21.19 -7.54
CA LYS B 270 6.90 21.74 -6.21
C LYS B 270 5.90 21.38 -5.09
N TYR B 271 4.79 20.75 -5.45
CA TYR B 271 3.82 20.33 -4.43
C TYR B 271 3.89 18.82 -4.15
N ILE B 272 4.75 18.12 -4.87
CA ILE B 272 4.91 16.70 -4.68
C ILE B 272 6.06 16.38 -3.75
N THR B 273 5.77 15.65 -2.68
CA THR B 273 6.78 15.21 -1.73
C THR B 273 6.27 14.00 -0.95
N GLY B 274 7.18 13.10 -0.62
CA GLY B 274 6.83 11.90 0.15
C GLY B 274 6.08 10.83 -0.62
N THR B 275 6.18 10.85 -1.95
CA THR B 275 5.50 9.82 -2.75
C THR B 275 6.44 9.08 -3.71
N CYS B 276 5.89 8.04 -4.34
CA CYS B 276 6.62 7.22 -5.29
C CYS B 276 5.94 7.27 -6.64
N VAL B 277 6.73 7.35 -7.70
CA VAL B 277 6.20 7.23 -9.04
C VAL B 277 6.78 5.97 -9.66
N LYS B 278 5.91 5.02 -9.97
CA LYS B 278 6.34 3.78 -10.60
C LYS B 278 6.53 4.03 -12.07
N VAL B 279 7.63 3.51 -12.61
CA VAL B 279 7.91 3.58 -14.04
C VAL B 279 8.15 2.14 -14.45
N ASP B 280 7.08 1.36 -14.52
CA ASP B 280 7.20 -0.08 -14.75
C ASP B 280 6.34 -0.66 -15.87
N GLY B 281 5.67 0.20 -16.63
CA GLY B 281 4.83 -0.27 -17.72
C GLY B 281 3.78 -1.28 -17.27
N GLY B 282 3.34 -1.16 -16.02
CA GLY B 282 2.30 -2.03 -15.49
C GLY B 282 2.76 -3.37 -14.99
N TYR B 283 4.08 -3.56 -14.88
CA TYR B 283 4.61 -4.83 -14.41
C TYR B 283 4.12 -5.19 -13.00
N SER B 284 4.04 -4.21 -12.11
CA SER B 284 3.61 -4.48 -10.74
C SER B 284 2.13 -4.88 -10.64
N LEU B 285 1.44 -4.89 -11.79
CA LEU B 285 0.04 -5.27 -11.83
C LEU B 285 -0.16 -6.75 -12.11
N THR B 286 0.92 -7.45 -12.43
CA THR B 286 0.85 -8.86 -12.81
C THR B 286 0.87 -9.86 -11.66
N ARG B 287 0.42 -11.09 -11.96
CA ARG B 287 0.46 -12.22 -11.02
C ARG B 287 1.18 -13.37 -11.70
N ALA B 288 1.62 -14.36 -10.93
CA ALA B 288 2.24 -15.54 -11.49
C ALA B 288 1.18 -16.39 -12.17
N VAL C 6 -26.22 -15.07 24.12
CA VAL C 6 -26.10 -15.69 22.76
C VAL C 6 -26.16 -14.62 21.67
N PRO C 7 -25.02 -14.38 21.03
CA PRO C 7 -24.90 -13.36 19.98
C PRO C 7 -25.40 -13.85 18.62
N VAL C 8 -25.71 -12.89 17.76
CA VAL C 8 -26.26 -13.18 16.44
C VAL C 8 -25.31 -12.68 15.35
N ALA C 9 -25.15 -13.49 14.30
CA ALA C 9 -24.33 -13.14 13.16
C ALA C 9 -25.15 -13.20 11.89
N LEU C 10 -25.07 -12.14 11.09
CA LEU C 10 -25.74 -12.11 9.80
C LEU C 10 -24.70 -12.35 8.72
N VAL C 11 -24.90 -13.43 7.96
CA VAL C 11 -23.97 -13.78 6.90
C VAL C 11 -24.66 -13.79 5.54
N THR C 12 -24.30 -12.85 4.67
CA THR C 12 -24.87 -12.78 3.33
C THR C 12 -24.19 -13.81 2.44
N GLY C 13 -24.97 -14.37 1.50
CA GLY C 13 -24.48 -15.43 0.62
C GLY C 13 -23.93 -16.60 1.44
N ALA C 14 -24.70 -17.04 2.42
CA ALA C 14 -24.24 -18.07 3.35
C ALA C 14 -24.54 -19.50 2.93
N ALA C 15 -25.24 -19.67 1.81
CA ALA C 15 -25.66 -20.99 1.35
C ALA C 15 -24.53 -21.99 1.10
N LYS C 16 -23.49 -21.57 0.39
CA LYS C 16 -22.40 -22.49 0.06
C LYS C 16 -20.99 -21.91 0.20
N ARG C 17 -20.02 -22.73 -0.21
CA ARG C 17 -18.61 -22.35 -0.26
C ARG C 17 -18.14 -21.57 0.96
N LEU C 18 -17.53 -20.40 0.76
CA LEU C 18 -17.00 -19.61 1.89
C LEU C 18 -18.08 -19.15 2.86
N GLY C 19 -19.17 -18.61 2.31
CA GLY C 19 -20.28 -18.16 3.13
C GLY C 19 -20.74 -19.23 4.10
N ARG C 20 -20.88 -20.45 3.61
CA ARG C 20 -21.31 -21.57 4.43
C ARG C 20 -20.28 -21.90 5.49
N SER C 21 -19.01 -21.84 5.13
CA SER C 21 -17.94 -22.13 6.06
C SER C 21 -17.85 -21.09 7.16
N ILE C 22 -18.09 -19.84 6.80
CA ILE C 22 -18.07 -18.76 7.77
C ILE C 22 -19.25 -18.93 8.75
N ALA C 23 -20.43 -19.23 8.19
CA ALA C 23 -21.62 -19.45 9.01
C ALA C 23 -21.42 -20.60 9.99
N GLU C 24 -20.85 -21.71 9.50
CA GLU C 24 -20.57 -22.87 10.33
C GLU C 24 -19.53 -22.53 11.41
N GLY C 25 -18.51 -21.78 11.01
CA GLY C 25 -17.48 -21.36 11.94
C GLY C 25 -18.04 -20.54 13.09
N LEU C 26 -18.86 -19.55 12.76
CA LEU C 26 -19.48 -18.70 13.76
C LEU C 26 -20.43 -19.50 14.64
N HIS C 27 -21.22 -20.38 14.03
CA HIS C 27 -22.17 -21.21 14.77
C HIS C 27 -21.43 -22.10 15.78
N ALA C 28 -20.27 -22.60 15.37
CA ALA C 28 -19.44 -23.42 16.25
C ALA C 28 -18.95 -22.63 17.46
N GLU C 29 -18.90 -21.32 17.33
CA GLU C 29 -18.46 -20.46 18.43
C GLU C 29 -19.64 -20.06 19.32
N GLY C 30 -20.84 -20.50 18.96
CA GLY C 30 -22.02 -20.22 19.77
C GLY C 30 -22.97 -19.20 19.21
N TYR C 31 -22.66 -18.66 18.04
CA TYR C 31 -23.50 -17.65 17.41
C TYR C 31 -24.77 -18.24 16.82
N ALA C 32 -25.88 -17.52 16.98
CA ALA C 32 -27.10 -17.83 16.25
C ALA C 32 -26.85 -17.16 14.89
N VAL C 33 -27.19 -17.83 13.81
CA VAL C 33 -26.82 -17.31 12.50
C VAL C 33 -27.97 -17.08 11.54
N CYS C 34 -28.04 -15.87 11.01
CA CYS C 34 -29.01 -15.56 9.98
C CYS C 34 -28.34 -15.75 8.62
N LEU C 35 -28.76 -16.81 7.91
CA LEU C 35 -28.19 -17.19 6.62
C LEU C 35 -28.91 -16.52 5.46
N HIS C 36 -28.28 -15.53 4.84
CA HIS C 36 -28.88 -14.87 3.69
C HIS C 36 -28.55 -15.64 2.43
N TYR C 37 -29.46 -15.59 1.46
CA TYR C 37 -29.26 -16.25 0.18
C TYR C 37 -30.09 -15.56 -0.89
N HIS C 38 -29.75 -15.80 -2.15
CA HIS C 38 -30.48 -15.21 -3.27
C HIS C 38 -31.18 -16.29 -4.09
N ARG C 39 -30.39 -17.12 -4.77
CA ARG C 39 -30.92 -18.19 -5.60
C ARG C 39 -30.81 -19.58 -4.94
N SER C 40 -29.91 -19.73 -3.97
CA SER C 40 -29.66 -21.03 -3.36
C SER C 40 -30.52 -21.34 -2.14
N ALA C 41 -31.83 -21.39 -2.33
CA ALA C 41 -32.77 -21.66 -1.23
C ALA C 41 -32.57 -23.07 -0.65
N ALA C 42 -32.48 -24.06 -1.52
CA ALA C 42 -32.28 -25.45 -1.10
C ALA C 42 -31.07 -25.62 -0.17
N GLU C 43 -29.91 -25.14 -0.62
CA GLU C 43 -28.68 -25.27 0.16
C GLU C 43 -28.74 -24.48 1.46
N ALA C 44 -29.34 -23.30 1.42
CA ALA C 44 -29.45 -22.47 2.60
C ALA C 44 -30.37 -23.10 3.65
N ASN C 45 -31.50 -23.64 3.19
CA ASN C 45 -32.43 -24.33 4.10
C ASN C 45 -31.83 -25.61 4.67
N ALA C 46 -31.02 -26.31 3.86
CA ALA C 46 -30.33 -27.52 4.33
C ALA C 46 -29.34 -27.18 5.43
N LEU C 47 -28.65 -26.06 5.27
CA LEU C 47 -27.68 -25.62 6.25
C LEU C 47 -28.37 -25.19 7.56
N SER C 48 -29.49 -24.49 7.43
CA SER C 48 -30.27 -24.07 8.58
C SER C 48 -30.73 -25.28 9.36
N ALA C 49 -31.20 -26.30 8.63
CA ALA C 49 -31.67 -27.53 9.26
C ALA C 49 -30.56 -28.19 10.04
N THR C 50 -29.36 -28.25 9.46
CA THR C 50 -28.24 -28.87 10.14
C THR C 50 -27.91 -28.12 11.41
N LEU C 51 -27.80 -26.81 11.30
CA LEU C 51 -27.46 -25.98 12.43
C LEU C 51 -28.54 -26.01 13.51
N ASN C 52 -29.80 -25.98 13.09
CA ASN C 52 -30.92 -26.04 14.02
C ASN C 52 -31.01 -27.38 14.76
N ALA C 53 -30.70 -28.45 14.05
CA ALA C 53 -30.71 -29.79 14.65
C ALA C 53 -29.61 -29.90 15.71
N ARG C 54 -28.49 -29.23 15.44
CA ARG C 54 -27.34 -29.26 16.35
C ARG C 54 -27.60 -28.36 17.56
N ARG C 55 -28.44 -27.35 17.37
CA ARG C 55 -28.78 -26.40 18.41
C ARG C 55 -30.07 -25.69 18.02
N PRO C 56 -31.17 -26.01 18.72
CA PRO C 56 -32.49 -25.45 18.41
C PRO C 56 -32.49 -23.93 18.34
N ASN C 57 -33.20 -23.38 17.35
CA ASN C 57 -33.32 -21.94 17.17
C ASN C 57 -31.97 -21.20 17.08
N SER C 58 -31.06 -21.78 16.31
CA SER C 58 -29.73 -21.22 16.16
C SER C 58 -29.46 -20.81 14.72
N ALA C 59 -30.47 -20.89 13.86
CA ALA C 59 -30.32 -20.51 12.46
C ALA C 59 -31.64 -20.21 11.79
N ILE C 60 -31.61 -19.23 10.89
CA ILE C 60 -32.75 -18.88 10.07
C ILE C 60 -32.21 -18.50 8.70
N THR C 61 -33.08 -18.45 7.70
CA THR C 61 -32.66 -18.08 6.35
C THR C 61 -33.54 -16.97 5.81
N VAL C 62 -32.94 -16.03 5.10
CA VAL C 62 -33.68 -14.93 4.50
C VAL C 62 -33.18 -14.69 3.08
N GLN C 63 -34.11 -14.53 2.16
CA GLN C 63 -33.80 -14.35 0.76
C GLN C 63 -33.76 -12.86 0.40
N ALA C 64 -32.83 -12.49 -0.48
CA ALA C 64 -32.75 -11.11 -0.95
C ALA C 64 -31.78 -10.94 -2.11
N ASP C 65 -32.23 -10.26 -3.14
CA ASP C 65 -31.37 -9.90 -4.24
C ASP C 65 -30.60 -8.65 -3.78
N LEU C 66 -29.27 -8.75 -3.77
CA LEU C 66 -28.44 -7.64 -3.30
C LEU C 66 -27.92 -6.79 -4.46
N SER C 67 -28.49 -7.00 -5.64
CA SER C 67 -28.14 -6.18 -6.78
C SER C 67 -28.76 -4.81 -6.58
N ASN C 68 -28.10 -3.77 -7.10
CA ASN C 68 -28.59 -2.40 -6.93
C ASN C 68 -29.78 -2.09 -7.85
N VAL C 69 -30.87 -2.83 -7.65
CA VAL C 69 -32.08 -2.66 -8.44
C VAL C 69 -33.32 -2.73 -7.55
N ALA C 70 -34.45 -2.26 -8.09
CA ALA C 70 -35.72 -2.35 -7.38
C ALA C 70 -36.39 -3.67 -7.70
N THR C 71 -37.07 -4.24 -6.71
CA THR C 71 -37.78 -5.50 -6.89
C THR C 71 -39.26 -5.32 -6.57
N ALA C 72 -40.09 -6.20 -7.12
CA ALA C 72 -41.52 -6.14 -6.89
C ALA C 72 -41.86 -6.67 -5.50
N PRO C 73 -42.72 -5.95 -4.78
CA PRO C 73 -43.14 -6.32 -3.42
C PRO C 73 -43.07 -7.83 -3.15
N ALA C 81 -45.75 -0.23 -4.66
CA ALA C 81 -44.49 0.51 -4.67
C ALA C 81 -43.28 -0.44 -4.77
N PRO C 82 -42.37 -0.16 -5.71
CA PRO C 82 -41.15 -0.97 -5.87
C PRO C 82 -40.25 -0.91 -4.64
N VAL C 83 -39.65 -2.04 -4.29
CA VAL C 83 -38.77 -2.10 -3.13
C VAL C 83 -37.31 -1.88 -3.52
N THR C 84 -36.67 -0.91 -2.87
CA THR C 84 -35.28 -0.56 -3.16
C THR C 84 -34.30 -1.46 -2.43
N LEU C 85 -33.04 -1.44 -2.87
CA LEU C 85 -31.99 -2.24 -2.27
C LEU C 85 -31.78 -1.89 -0.80
N PHE C 86 -31.88 -0.60 -0.47
CA PHE C 86 -31.70 -0.18 0.92
C PHE C 86 -32.72 -0.83 1.83
N THR C 87 -33.99 -0.75 1.43
CA THR C 87 -35.08 -1.34 2.20
C THR C 87 -34.79 -2.83 2.40
N ARG C 88 -34.45 -3.50 1.31
CA ARG C 88 -34.14 -4.92 1.34
C ARG C 88 -32.99 -5.21 2.32
N CYS C 89 -32.01 -4.31 2.34
CA CYS C 89 -30.89 -4.47 3.25
C CYS C 89 -31.34 -4.25 4.69
N ALA C 90 -32.11 -3.20 4.91
CA ALA C 90 -32.61 -2.89 6.25
C ALA C 90 -33.44 -4.04 6.80
N GLU C 91 -34.25 -4.67 5.94
CA GLU C 91 -35.08 -5.80 6.34
C GLU C 91 -34.22 -7.00 6.72
N LEU C 92 -33.08 -7.13 6.05
CA LEU C 92 -32.13 -8.21 6.32
C LEU C 92 -31.66 -8.11 7.76
N VAL C 93 -31.22 -6.93 8.15
CA VAL C 93 -30.74 -6.68 9.50
C VAL C 93 -31.90 -6.78 10.50
N ALA C 94 -33.06 -6.23 10.10
CA ALA C 94 -34.25 -6.25 10.94
C ALA C 94 -34.67 -7.67 11.29
N ALA C 95 -34.60 -8.56 10.29
CA ALA C 95 -34.93 -9.97 10.48
C ALA C 95 -34.22 -10.54 11.68
N CYS C 96 -32.99 -10.09 11.90
CA CYS C 96 -32.20 -10.56 13.04
C CYS C 96 -32.79 -10.06 14.35
N TYR C 97 -33.10 -8.78 14.40
CA TYR C 97 -33.67 -8.18 15.60
C TYR C 97 -35.05 -8.74 15.91
N THR C 98 -35.88 -8.90 14.87
CA THR C 98 -37.22 -9.44 15.03
C THR C 98 -37.19 -10.85 15.62
N HIS C 99 -36.22 -11.64 15.19
CA HIS C 99 -36.16 -13.02 15.61
C HIS C 99 -35.40 -13.27 16.89
N TRP C 100 -34.29 -12.57 17.10
CA TRP C 100 -33.44 -12.81 18.26
C TRP C 100 -33.20 -11.56 19.09
N GLY C 101 -33.75 -10.44 18.64
CA GLY C 101 -33.61 -9.19 19.37
C GLY C 101 -32.20 -8.60 19.34
N ARG C 102 -31.39 -9.04 18.39
CA ARG C 102 -30.02 -8.54 18.29
C ARG C 102 -29.31 -8.90 16.99
N CYS C 103 -28.21 -8.19 16.72
CA CYS C 103 -27.35 -8.47 15.58
C CYS C 103 -25.94 -7.97 15.94
N ASP C 104 -25.07 -8.90 16.31
CA ASP C 104 -23.73 -8.54 16.78
C ASP C 104 -22.67 -8.54 15.69
N VAL C 105 -22.82 -9.43 14.72
CA VAL C 105 -21.83 -9.59 13.66
C VAL C 105 -22.48 -9.56 12.30
N LEU C 106 -21.86 -8.85 11.37
CA LEU C 106 -22.32 -8.80 9.98
C LEU C 106 -21.15 -9.18 9.10
N VAL C 107 -21.35 -10.19 8.25
CA VAL C 107 -20.31 -10.61 7.31
C VAL C 107 -20.76 -10.41 5.87
N ASN C 108 -20.18 -9.41 5.21
CA ASN C 108 -20.50 -9.11 3.82
C ASN C 108 -19.74 -10.05 2.92
N ASN C 109 -20.35 -11.19 2.63
CA ASN C 109 -19.71 -12.23 1.85
C ASN C 109 -20.31 -12.41 0.46
N ALA C 110 -21.62 -12.20 0.34
CA ALA C 110 -22.31 -12.33 -0.95
C ALA C 110 -21.59 -11.53 -2.00
N SER C 111 -21.42 -12.10 -3.19
CA SER C 111 -20.66 -11.43 -4.23
C SER C 111 -20.80 -12.06 -5.62
N SER C 112 -21.13 -11.24 -6.63
CA SER C 112 -21.18 -11.70 -8.02
C SER C 112 -19.78 -11.56 -8.58
N PHE C 113 -19.42 -12.45 -9.50
CA PHE C 113 -18.07 -12.48 -10.06
C PHE C 113 -18.08 -13.02 -11.50
N TYR C 114 -18.06 -12.12 -12.47
CA TYR C 114 -18.00 -12.51 -13.88
C TYR C 114 -17.40 -11.37 -14.71
N PRO C 115 -16.91 -11.71 -15.90
CA PRO C 115 -16.21 -10.74 -16.76
C PRO C 115 -17.04 -9.55 -17.23
N THR C 116 -16.38 -8.39 -17.28
CA THR C 116 -16.95 -7.19 -17.89
C THR C 116 -15.83 -6.58 -18.73
N PRO C 117 -15.54 -7.20 -19.87
CA PRO C 117 -14.41 -6.78 -20.71
C PRO C 117 -14.52 -5.37 -21.22
N LEU C 118 -13.39 -4.70 -21.39
CA LEU C 118 -13.37 -3.36 -21.93
C LEU C 118 -13.24 -3.46 -23.45
N LEU C 119 -12.66 -4.57 -23.90
CA LEU C 119 -12.44 -4.82 -25.31
C LEU C 119 -13.09 -6.15 -25.71
N ARG C 120 -13.76 -6.16 -26.86
CA ARG C 120 -14.40 -7.39 -27.37
C ARG C 120 -14.85 -8.31 -26.23
N ARG C 133 -27.96 -3.26 -25.34
CA ARG C 133 -26.93 -3.74 -24.44
C ARG C 133 -27.18 -3.29 -22.99
N GLU C 134 -28.24 -3.83 -22.41
CA GLU C 134 -28.60 -3.53 -21.02
C GLU C 134 -27.86 -4.50 -20.08
N ALA C 135 -27.16 -5.48 -20.68
CA ALA C 135 -26.38 -6.45 -19.91
C ALA C 135 -25.26 -5.73 -19.16
N MET C 136 -24.90 -4.54 -19.65
CA MET C 136 -23.90 -3.70 -19.00
C MET C 136 -24.53 -3.05 -17.78
N GLU C 137 -25.83 -2.76 -17.86
CA GLU C 137 -26.57 -2.15 -16.76
C GLU C 137 -26.91 -3.18 -15.69
N THR C 138 -27.23 -4.40 -16.11
CA THR C 138 -27.55 -5.47 -15.18
C THR C 138 -26.30 -5.91 -14.45
N ALA C 139 -25.18 -5.94 -15.17
CA ALA C 139 -23.89 -6.32 -14.57
C ALA C 139 -23.47 -5.28 -13.56
N THR C 140 -23.60 -4.01 -13.94
CA THR C 140 -23.17 -2.92 -13.09
C THR C 140 -23.91 -2.96 -11.78
N ALA C 141 -25.23 -3.05 -11.87
CA ALA C 141 -26.06 -3.07 -10.67
C ALA C 141 -25.80 -4.34 -9.86
N ASP C 142 -25.58 -5.45 -10.54
CA ASP C 142 -25.34 -6.72 -9.88
C ASP C 142 -23.98 -6.76 -9.21
N LEU C 143 -22.93 -6.48 -9.98
CA LEU C 143 -21.57 -6.54 -9.47
C LEU C 143 -21.30 -5.50 -8.41
N PHE C 144 -21.79 -4.28 -8.63
CA PHE C 144 -21.61 -3.21 -7.67
C PHE C 144 -22.52 -3.35 -6.45
N GLY C 145 -23.72 -3.88 -6.67
CA GLY C 145 -24.67 -4.05 -5.59
C GLY C 145 -24.21 -5.03 -4.53
N SER C 146 -23.96 -6.26 -4.96
CA SER C 146 -23.56 -7.33 -4.05
C SER C 146 -22.25 -7.05 -3.36
N ASN C 147 -21.27 -6.59 -4.13
CA ASN C 147 -19.91 -6.36 -3.64
C ASN C 147 -19.69 -5.07 -2.86
N ALA C 148 -20.46 -4.02 -3.15
CA ALA C 148 -20.20 -2.73 -2.53
C ALA C 148 -21.41 -1.98 -1.95
N ILE C 149 -22.42 -1.74 -2.78
CA ILE C 149 -23.57 -0.96 -2.35
C ILE C 149 -24.45 -1.64 -1.30
N ALA C 150 -24.74 -2.92 -1.48
CA ALA C 150 -25.49 -3.67 -0.46
C ALA C 150 -24.73 -3.64 0.88
N PRO C 151 -23.43 -3.98 0.86
CA PRO C 151 -22.61 -3.91 2.07
C PRO C 151 -22.70 -2.55 2.76
N TYR C 152 -22.70 -1.48 1.97
CA TYR C 152 -22.82 -0.14 2.52
C TYR C 152 -24.13 0.03 3.27
N PHE C 153 -25.24 -0.27 2.60
CA PHE C 153 -26.57 -0.19 3.21
C PHE C 153 -26.70 -1.10 4.43
N LEU C 154 -26.19 -2.32 4.30
CA LEU C 154 -26.23 -3.27 5.38
C LEU C 154 -25.48 -2.73 6.61
N ILE C 155 -24.30 -2.16 6.39
CA ILE C 155 -23.52 -1.58 7.49
C ILE C 155 -24.29 -0.42 8.12
N LYS C 156 -24.91 0.40 7.27
CA LYS C 156 -25.69 1.52 7.72
C LYS C 156 -26.83 1.04 8.61
N ALA C 157 -27.60 0.07 8.11
CA ALA C 157 -28.70 -0.51 8.88
C ALA C 157 -28.19 -1.10 10.19
N PHE C 158 -27.07 -1.82 10.11
CA PHE C 158 -26.45 -2.44 11.29
C PHE C 158 -26.07 -1.39 12.35
N ALA C 159 -25.46 -0.30 11.91
CA ALA C 159 -25.03 0.76 12.82
C ALA C 159 -26.22 1.49 13.44
N HIS C 160 -27.24 1.76 12.64
CA HIS C 160 -28.44 2.41 13.12
C HIS C 160 -29.03 1.65 14.31
N ARG C 161 -29.24 0.35 14.14
CA ARG C 161 -29.81 -0.51 15.19
C ARG C 161 -28.99 -0.45 16.48
N VAL C 162 -27.68 -0.46 16.35
CA VAL C 162 -26.81 -0.38 17.52
C VAL C 162 -26.96 0.98 18.19
N ALA C 163 -26.92 2.04 17.38
CA ALA C 163 -27.06 3.40 17.89
C ALA C 163 -28.42 3.59 18.59
N GLY C 164 -29.46 2.98 18.03
CA GLY C 164 -30.80 3.07 18.58
C GLY C 164 -30.98 2.23 19.84
N THR C 165 -30.00 1.37 20.13
CA THR C 165 -30.04 0.54 21.32
C THR C 165 -29.43 1.31 22.48
N PRO C 166 -30.13 1.36 23.61
CA PRO C 166 -29.62 2.04 24.81
C PRO C 166 -28.28 1.43 25.23
N ALA C 167 -27.29 2.27 25.52
CA ALA C 167 -25.96 1.82 25.90
C ALA C 167 -25.95 0.57 26.77
N LYS C 168 -26.66 0.61 27.89
CA LYS C 168 -26.66 -0.50 28.85
C LYS C 168 -27.09 -1.85 28.28
N HIS C 169 -27.82 -1.83 27.16
CA HIS C 169 -28.32 -3.08 26.56
C HIS C 169 -27.58 -3.49 25.28
N ARG C 170 -26.50 -2.79 24.96
CA ARG C 170 -25.71 -3.09 23.76
C ARG C 170 -24.80 -4.29 23.99
N GLY C 171 -24.44 -4.97 22.91
CA GLY C 171 -23.49 -6.07 22.98
C GLY C 171 -22.10 -5.54 23.28
N THR C 172 -21.19 -6.45 23.61
CA THR C 172 -19.83 -6.06 23.97
C THR C 172 -18.82 -6.36 22.85
N ASN C 173 -19.30 -6.92 21.75
CA ASN C 173 -18.41 -7.30 20.65
C ASN C 173 -19.05 -7.21 19.27
N TYR C 174 -19.32 -5.99 18.81
CA TYR C 174 -19.86 -5.76 17.47
C TYR C 174 -18.74 -5.84 16.45
N SER C 175 -18.92 -6.67 15.44
CA SER C 175 -17.89 -6.87 14.43
C SER C 175 -18.47 -7.01 13.01
N ILE C 176 -17.95 -6.23 12.08
CA ILE C 176 -18.37 -6.32 10.68
C ILE C 176 -17.20 -6.77 9.80
N ILE C 177 -17.37 -7.89 9.10
CA ILE C 177 -16.33 -8.39 8.22
C ILE C 177 -16.70 -8.25 6.75
N ASN C 178 -15.84 -7.57 6.00
CA ASN C 178 -16.04 -7.41 4.57
C ASN C 178 -15.13 -8.36 3.79
N MET C 179 -15.73 -9.29 3.07
CA MET C 179 -14.96 -10.24 2.27
C MET C 179 -14.43 -9.51 1.05
N VAL C 180 -13.13 -9.21 1.07
CA VAL C 180 -12.53 -8.51 -0.05
C VAL C 180 -11.74 -9.48 -0.92
N ASP C 181 -10.73 -8.98 -1.62
CA ASP C 181 -9.95 -9.81 -2.53
C ASP C 181 -8.46 -9.50 -2.45
N ALA C 182 -7.66 -10.49 -2.08
CA ALA C 182 -6.22 -10.30 -1.96
C ALA C 182 -5.50 -9.97 -3.28
N MET C 183 -6.14 -10.27 -4.41
CA MET C 183 -5.49 -10.13 -5.72
C MET C 183 -5.94 -8.95 -6.60
N THR C 184 -6.89 -8.15 -6.12
CA THR C 184 -7.40 -7.02 -6.92
C THR C 184 -6.37 -5.94 -7.28
N ASN C 185 -5.28 -5.87 -6.52
CA ASN C 185 -4.21 -4.93 -6.86
C ASN C 185 -3.40 -5.44 -8.05
N GLN C 186 -3.61 -6.71 -8.38
CA GLN C 186 -3.03 -7.32 -9.56
C GLN C 186 -4.23 -7.83 -10.37
N PRO C 187 -4.99 -6.89 -10.94
CA PRO C 187 -6.30 -7.18 -11.54
C PRO C 187 -6.35 -8.41 -12.41
N LEU C 188 -7.51 -9.07 -12.40
CA LEU C 188 -7.75 -10.23 -13.23
C LEU C 188 -8.30 -9.72 -14.55
N LEU C 189 -7.54 -9.96 -15.62
CA LEU C 189 -7.89 -9.50 -16.95
C LEU C 189 -9.38 -9.66 -17.28
N GLY C 190 -10.04 -8.57 -17.59
CA GLY C 190 -11.43 -8.59 -18.01
C GLY C 190 -12.47 -8.49 -16.92
N TYR C 191 -12.04 -8.26 -15.68
CA TYR C 191 -12.97 -8.18 -14.55
C TYR C 191 -13.03 -6.79 -13.92
N THR C 192 -12.97 -5.76 -14.75
CA THR C 192 -12.92 -4.38 -14.27
C THR C 192 -13.99 -4.00 -13.23
N ILE C 193 -15.27 -4.20 -13.56
CA ILE C 193 -16.34 -3.81 -12.63
C ILE C 193 -16.20 -4.51 -11.28
N TYR C 194 -16.01 -5.83 -11.32
CA TYR C 194 -15.85 -6.58 -10.09
C TYR C 194 -14.67 -6.02 -9.29
N THR C 195 -13.56 -5.78 -9.98
CA THR C 195 -12.35 -5.24 -9.35
C THR C 195 -12.64 -3.87 -8.73
N MET C 196 -13.38 -3.04 -9.46
CA MET C 196 -13.78 -1.73 -8.97
C MET C 196 -14.63 -1.86 -7.72
N ALA C 197 -15.59 -2.77 -7.76
CA ALA C 197 -16.51 -2.97 -6.64
C ALA C 197 -15.75 -3.39 -5.39
N LYS C 198 -14.72 -4.21 -5.57
CA LYS C 198 -13.89 -4.65 -4.46
C LYS C 198 -13.10 -3.48 -3.87
N GLY C 199 -12.60 -2.61 -4.75
CA GLY C 199 -11.88 -1.41 -4.35
C GLY C 199 -12.78 -0.53 -3.51
N ALA C 200 -14.05 -0.44 -3.91
CA ALA C 200 -15.05 0.32 -3.15
C ALA C 200 -15.33 -0.33 -1.80
N LEU C 201 -15.34 -1.67 -1.78
CA LEU C 201 -15.53 -2.40 -0.53
C LEU C 201 -14.39 -2.11 0.43
N GLU C 202 -13.16 -2.04 -0.11
CA GLU C 202 -11.99 -1.70 0.70
C GLU C 202 -12.16 -0.31 1.29
N GLY C 203 -12.68 0.61 0.48
CA GLY C 203 -12.90 1.97 0.94
C GLY C 203 -13.95 1.99 2.02
N LEU C 204 -15.00 1.18 1.85
CA LEU C 204 -16.07 1.11 2.84
C LEU C 204 -15.53 0.63 4.18
N THR C 205 -14.58 -0.31 4.13
CA THR C 205 -13.98 -0.85 5.35
C THR C 205 -13.27 0.23 6.15
N ARG C 206 -12.46 1.05 5.47
CA ARG C 206 -11.70 2.09 6.15
C ARG C 206 -12.59 3.19 6.66
N SER C 207 -13.55 3.60 5.84
CA SER C 207 -14.48 4.66 6.21
C SER C 207 -15.42 4.22 7.34
N ALA C 208 -15.96 3.00 7.22
CA ALA C 208 -16.88 2.48 8.23
C ALA C 208 -16.18 2.30 9.58
N ALA C 209 -14.97 1.78 9.54
CA ALA C 209 -14.20 1.57 10.76
C ALA C 209 -14.04 2.89 11.52
N LEU C 210 -13.62 3.92 10.83
CA LEU C 210 -13.43 5.23 11.44
C LEU C 210 -14.72 5.82 12.00
N GLU C 211 -15.77 5.85 11.19
CA GLU C 211 -17.03 6.44 11.63
C GLU C 211 -17.73 5.66 12.73
N LEU C 212 -17.60 4.34 12.71
CA LEU C 212 -18.28 3.49 13.68
C LEU C 212 -17.46 3.19 14.95
N ALA C 213 -16.22 3.69 14.99
CA ALA C 213 -15.38 3.46 16.16
C ALA C 213 -16.04 3.91 17.46
N PRO C 214 -16.64 5.10 17.50
CA PRO C 214 -17.31 5.58 18.73
C PRO C 214 -18.36 4.61 19.27
N LEU C 215 -18.97 3.81 18.39
CA LEU C 215 -19.97 2.83 18.82
C LEU C 215 -19.32 1.48 19.10
N GLN C 216 -18.00 1.44 19.05
CA GLN C 216 -17.25 0.22 19.27
C GLN C 216 -17.61 -0.88 18.28
N ILE C 217 -17.94 -0.48 17.05
CA ILE C 217 -18.19 -1.45 15.99
C ILE C 217 -16.93 -1.55 15.14
N ARG C 218 -16.27 -2.70 15.22
CA ARG C 218 -15.06 -2.92 14.44
C ARG C 218 -15.43 -3.34 13.03
N VAL C 219 -14.66 -2.87 12.06
CA VAL C 219 -14.90 -3.19 10.66
C VAL C 219 -13.58 -3.55 10.00
N ASN C 220 -13.47 -4.79 9.55
CA ASN C 220 -12.25 -5.28 8.94
C ASN C 220 -12.53 -6.05 7.67
N GLY C 221 -11.47 -6.32 6.91
CA GLY C 221 -11.61 -7.06 5.69
C GLY C 221 -10.80 -8.34 5.70
N VAL C 222 -11.34 -9.36 5.04
CA VAL C 222 -10.63 -10.60 4.83
C VAL C 222 -10.57 -10.83 3.32
N GLY C 223 -9.36 -10.98 2.80
CA GLY C 223 -9.19 -11.16 1.38
C GLY C 223 -8.55 -12.46 0.97
N PRO C 224 -9.37 -13.41 0.52
CA PRO C 224 -8.84 -14.67 0.01
C PRO C 224 -8.16 -14.40 -1.34
N GLY C 225 -7.32 -15.35 -1.77
CA GLY C 225 -6.67 -15.27 -3.06
C GLY C 225 -7.37 -16.27 -3.96
N LEU C 226 -6.99 -17.54 -3.81
CA LEU C 226 -7.65 -18.62 -4.51
C LEU C 226 -8.21 -19.59 -3.47
N SER C 227 -9.53 -19.65 -3.37
CA SER C 227 -10.19 -20.55 -2.41
C SER C 227 -11.22 -21.45 -3.06
N VAL C 228 -11.18 -22.73 -2.71
CA VAL C 228 -12.12 -23.74 -3.21
C VAL C 228 -12.44 -23.53 -4.68
N LEU C 229 -11.42 -23.64 -5.53
CA LEU C 229 -11.59 -23.42 -6.96
C LEU C 229 -12.66 -24.31 -7.58
N VAL C 230 -13.44 -23.70 -8.48
CA VAL C 230 -14.53 -24.37 -9.18
C VAL C 230 -14.04 -25.54 -10.03
N ARG C 242 -3.10 -22.28 -9.56
CA ARG C 242 -3.05 -23.24 -8.45
C ARG C 242 -1.59 -23.59 -8.12
N SER C 243 -0.88 -24.13 -9.11
CA SER C 243 0.54 -24.44 -8.95
C SER C 243 1.33 -23.15 -8.75
N LYS C 244 0.62 -22.03 -8.85
CA LYS C 244 1.21 -20.71 -8.74
C LYS C 244 1.32 -20.21 -7.30
N VAL C 245 0.43 -20.69 -6.44
CA VAL C 245 0.44 -20.31 -5.03
C VAL C 245 1.70 -20.80 -4.34
N PRO C 246 2.56 -19.87 -3.95
CA PRO C 246 3.84 -20.22 -3.34
C PRO C 246 3.67 -21.17 -2.16
N LEU C 247 2.66 -20.94 -1.33
CA LEU C 247 2.41 -21.81 -0.18
C LEU C 247 1.50 -22.99 -0.55
N TYR C 248 2.07 -24.19 -0.51
CA TYR C 248 1.35 -25.45 -0.79
C TYR C 248 1.04 -25.68 -2.27
N GLN C 249 1.17 -24.65 -3.09
CA GLN C 249 0.87 -24.76 -4.52
C GLN C 249 -0.55 -25.28 -4.72
N ARG C 250 -1.49 -24.69 -4.01
CA ARG C 250 -2.87 -25.10 -4.12
C ARG C 250 -3.78 -23.97 -3.63
N ASP C 251 -5.01 -23.97 -4.10
CA ASP C 251 -6.00 -23.02 -3.60
C ASP C 251 -6.29 -23.42 -2.15
N SER C 252 -6.95 -22.55 -1.41
CA SER C 252 -7.24 -22.83 -0.01
C SER C 252 -8.56 -23.56 0.19
N SER C 253 -8.73 -24.15 1.36
CA SER C 253 -10.02 -24.73 1.73
C SER C 253 -10.87 -23.60 2.28
N ALA C 254 -12.17 -23.83 2.42
CA ALA C 254 -13.07 -22.81 2.94
C ALA C 254 -12.71 -22.47 4.40
N ALA C 255 -12.41 -23.50 5.19
CA ALA C 255 -12.05 -23.31 6.59
C ALA C 255 -10.81 -22.42 6.75
N GLU C 256 -9.86 -22.57 5.84
CA GLU C 256 -8.62 -21.78 5.89
C GLU C 256 -8.89 -20.28 5.77
N VAL C 257 -10.05 -19.93 5.24
CA VAL C 257 -10.44 -18.53 5.13
C VAL C 257 -11.39 -18.15 6.27
N SER C 258 -12.43 -18.95 6.46
CA SER C 258 -13.45 -18.69 7.48
C SER C 258 -12.89 -18.64 8.90
N ASP C 259 -11.89 -19.45 9.20
CA ASP C 259 -11.27 -19.42 10.53
C ASP C 259 -10.75 -18.02 10.85
N VAL C 260 -10.21 -17.35 9.85
CA VAL C 260 -9.67 -16.00 10.01
C VAL C 260 -10.81 -15.01 10.28
N VAL C 261 -11.94 -15.24 9.62
CA VAL C 261 -13.13 -14.40 9.81
C VAL C 261 -13.63 -14.56 11.23
N ILE C 262 -13.62 -15.81 11.72
CA ILE C 262 -14.07 -16.09 13.07
C ILE C 262 -13.17 -15.45 14.11
N PHE C 263 -11.86 -15.54 13.91
CA PHE C 263 -10.92 -14.94 14.85
C PHE C 263 -11.10 -13.44 14.94
N LEU C 264 -11.28 -12.79 13.79
CA LEU C 264 -11.47 -11.34 13.76
C LEU C 264 -12.75 -10.92 14.48
N CYS C 265 -13.67 -11.87 14.65
CA CYS C 265 -14.93 -11.59 15.32
C CYS C 265 -14.84 -11.85 16.82
N SER C 266 -13.81 -12.58 17.23
CA SER C 266 -13.61 -12.90 18.64
C SER C 266 -13.17 -11.69 19.46
N SER C 267 -13.33 -11.79 20.77
CA SER C 267 -12.95 -10.70 21.66
C SER C 267 -11.44 -10.49 21.72
N LYS C 268 -10.68 -11.51 21.38
CA LYS C 268 -9.22 -11.38 21.39
C LYS C 268 -8.76 -10.37 20.34
N ALA C 269 -9.60 -10.14 19.35
CA ALA C 269 -9.28 -9.21 18.26
C ALA C 269 -9.97 -7.86 18.44
N LYS C 270 -10.28 -7.51 19.67
CA LYS C 270 -11.04 -6.28 19.92
C LYS C 270 -10.34 -4.95 19.63
N TYR C 271 -9.04 -5.00 19.34
CA TYR C 271 -8.28 -3.79 19.04
C TYR C 271 -8.03 -3.63 17.53
N ILE C 272 -8.46 -4.61 16.75
CA ILE C 272 -8.31 -4.56 15.31
C ILE C 272 -9.55 -3.97 14.63
N THR C 273 -9.33 -2.96 13.80
CA THR C 273 -10.39 -2.35 13.02
C THR C 273 -9.81 -1.52 11.88
N GLY C 274 -10.49 -1.53 10.74
CA GLY C 274 -10.04 -0.77 9.58
C GLY C 274 -8.90 -1.39 8.79
N THR C 275 -8.64 -2.68 8.99
CA THR C 275 -7.54 -3.34 8.28
C THR C 275 -7.97 -4.57 7.49
N CYS C 276 -7.05 -5.09 6.69
CA CYS C 276 -7.29 -6.28 5.88
C CYS C 276 -6.36 -7.40 6.28
N VAL C 277 -6.87 -8.62 6.26
CA VAL C 277 -6.03 -9.78 6.45
C VAL C 277 -6.11 -10.60 5.17
N LYS C 278 -4.97 -10.76 4.50
CA LYS C 278 -4.92 -11.57 3.28
C LYS C 278 -4.78 -13.03 3.65
N VAL C 279 -5.56 -13.87 3.00
CA VAL C 279 -5.48 -15.31 3.20
C VAL C 279 -5.25 -15.89 1.81
N ASP C 280 -4.05 -15.68 1.29
CA ASP C 280 -3.74 -16.05 -0.09
C ASP C 280 -2.53 -16.96 -0.27
N GLY C 281 -1.95 -17.43 0.81
CA GLY C 281 -0.78 -18.30 0.72
C GLY C 281 0.36 -17.68 -0.06
N GLY C 282 0.46 -16.36 -0.03
CA GLY C 282 1.56 -15.65 -0.67
C GLY C 282 1.37 -15.38 -2.15
N TYR C 283 0.16 -15.60 -2.65
CA TYR C 283 -0.11 -15.37 -4.06
C TYR C 283 0.10 -13.90 -4.47
N SER C 284 -0.29 -12.96 -3.61
CA SER C 284 -0.16 -11.55 -3.95
C SER C 284 1.30 -11.08 -4.00
N LEU C 285 2.24 -12.00 -3.75
CA LEU C 285 3.66 -11.67 -3.78
C LEU C 285 4.30 -12.01 -5.12
N THR C 286 3.54 -12.66 -6.00
CA THR C 286 4.07 -13.10 -7.30
C THR C 286 4.04 -12.06 -8.42
N ARG C 287 4.83 -12.31 -9.46
CA ARG C 287 4.86 -11.48 -10.67
C ARG C 287 4.66 -12.42 -11.85
N ALA C 288 4.35 -11.85 -13.01
CA ALA C 288 4.19 -12.66 -14.21
C ALA C 288 5.55 -13.17 -14.67
N VAL D 6 -2.28 17.35 -34.45
CA VAL D 6 -2.96 18.06 -33.31
C VAL D 6 -3.94 17.13 -32.61
N PRO D 7 -3.55 16.69 -31.42
CA PRO D 7 -4.31 15.71 -30.64
C PRO D 7 -5.47 16.32 -29.86
N VAL D 8 -6.39 15.46 -29.44
CA VAL D 8 -7.59 15.87 -28.74
C VAL D 8 -7.67 15.32 -27.33
N ALA D 9 -8.10 16.15 -26.40
CA ALA D 9 -8.26 15.73 -25.02
C ALA D 9 -9.69 15.95 -24.56
N LEU D 10 -10.26 14.96 -23.90
CA LEU D 10 -11.60 15.08 -23.32
C LEU D 10 -11.47 15.26 -21.81
N VAL D 11 -11.93 16.40 -21.31
CA VAL D 11 -11.84 16.69 -19.88
C VAL D 11 -13.22 16.89 -19.27
N THR D 12 -13.64 15.95 -18.42
CA THR D 12 -14.92 16.06 -17.75
C THR D 12 -14.83 17.05 -16.59
N GLY D 13 -15.92 17.76 -16.31
CA GLY D 13 -15.93 18.77 -15.27
C GLY D 13 -14.84 19.80 -15.51
N ALA D 14 -14.72 20.25 -16.75
CA ALA D 14 -13.65 21.17 -17.16
C ALA D 14 -13.96 22.66 -16.97
N ALA D 15 -15.16 22.98 -16.49
CA ALA D 15 -15.57 24.38 -16.38
C ALA D 15 -14.75 25.22 -15.41
N LYS D 16 -14.42 24.67 -14.25
CA LYS D 16 -13.68 25.44 -13.26
C LYS D 16 -12.67 24.65 -12.44
N ARG D 17 -12.02 25.37 -11.53
CA ARG D 17 -11.06 24.81 -10.60
C ARG D 17 -10.01 23.90 -11.25
N LEU D 18 -9.88 22.66 -10.78
CA LEU D 18 -8.86 21.77 -11.35
C LEU D 18 -9.13 21.42 -12.81
N GLY D 19 -10.39 21.13 -13.13
CA GLY D 19 -10.77 20.77 -14.48
C GLY D 19 -10.33 21.83 -15.47
N ARG D 20 -10.65 23.08 -15.17
CA ARG D 20 -10.27 24.20 -16.02
C ARG D 20 -8.75 24.32 -16.18
N SER D 21 -8.03 24.14 -15.08
CA SER D 21 -6.57 24.19 -15.09
C SER D 21 -5.99 23.06 -15.96
N ILE D 22 -6.58 21.87 -15.85
CA ILE D 22 -6.13 20.72 -16.63
C ILE D 22 -6.36 20.99 -18.11
N ALA D 23 -7.52 21.52 -18.43
CA ALA D 23 -7.87 21.84 -19.81
C ALA D 23 -6.93 22.91 -20.37
N GLU D 24 -6.70 23.96 -19.58
CA GLU D 24 -5.79 25.02 -19.99
C GLU D 24 -4.38 24.47 -20.18
N GLY D 25 -3.98 23.60 -19.25
CA GLY D 25 -2.66 22.99 -19.32
C GLY D 25 -2.46 22.23 -20.61
N LEU D 26 -3.37 21.33 -20.90
CA LEU D 26 -3.32 20.52 -22.13
C LEU D 26 -3.38 21.41 -23.38
N HIS D 27 -4.25 22.43 -23.35
CA HIS D 27 -4.40 23.35 -24.47
C HIS D 27 -3.08 24.06 -24.75
N ALA D 28 -2.39 24.45 -23.69
CA ALA D 28 -1.09 25.11 -23.80
C ALA D 28 -0.06 24.20 -24.46
N GLU D 29 -0.28 22.89 -24.38
CA GLU D 29 0.64 21.93 -24.98
C GLU D 29 0.28 21.65 -26.44
N GLY D 30 -0.84 22.21 -26.88
CA GLY D 30 -1.26 22.06 -28.27
C GLY D 30 -2.49 21.22 -28.51
N TYR D 31 -3.05 20.68 -27.45
CA TYR D 31 -4.24 19.83 -27.56
C TYR D 31 -5.48 20.64 -27.90
N ALA D 32 -6.33 20.07 -28.74
CA ALA D 32 -7.68 20.62 -28.92
C ALA D 32 -8.44 20.00 -27.75
N VAL D 33 -9.28 20.77 -27.07
CA VAL D 33 -9.90 20.29 -25.86
C VAL D 33 -11.43 20.24 -25.88
N CYS D 34 -11.99 19.10 -25.51
CA CYS D 34 -13.41 18.99 -25.37
C CYS D 34 -13.79 19.19 -23.90
N LEU D 35 -14.37 20.35 -23.60
CA LEU D 35 -14.72 20.69 -22.24
C LEU D 35 -16.09 20.20 -21.86
N HIS D 36 -16.15 19.17 -21.02
CA HIS D 36 -17.43 18.68 -20.52
C HIS D 36 -17.87 19.49 -19.31
N TYR D 37 -19.18 19.56 -19.11
CA TYR D 37 -19.74 20.26 -17.95
C TYR D 37 -21.14 19.71 -17.66
N HIS D 38 -21.64 19.98 -16.47
CA HIS D 38 -22.98 19.58 -16.11
C HIS D 38 -23.85 20.79 -15.91
N ARG D 39 -23.53 21.59 -14.90
CA ARG D 39 -24.35 22.75 -14.58
C ARG D 39 -23.69 24.07 -14.92
N SER D 40 -22.36 24.07 -14.99
CA SER D 40 -21.62 25.29 -15.25
C SER D 40 -21.46 25.65 -16.73
N ALA D 41 -22.59 25.83 -17.42
CA ALA D 41 -22.57 26.17 -18.83
C ALA D 41 -21.84 27.50 -19.10
N ALA D 42 -22.17 28.52 -18.32
CA ALA D 42 -21.57 29.84 -18.51
C ALA D 42 -20.05 29.78 -18.48
N GLU D 43 -19.51 29.15 -17.45
CA GLU D 43 -18.06 29.11 -17.30
C GLU D 43 -17.40 28.25 -18.38
N ALA D 44 -18.02 27.13 -18.70
CA ALA D 44 -17.50 26.25 -19.73
C ALA D 44 -17.41 26.99 -21.07
N ASN D 45 -18.49 27.66 -21.45
CA ASN D 45 -18.51 28.44 -22.69
C ASN D 45 -17.51 29.59 -22.67
N ALA D 46 -17.35 30.25 -21.53
CA ALA D 46 -16.38 31.32 -21.42
C ALA D 46 -14.98 30.75 -21.64
N LEU D 47 -14.72 29.57 -21.09
CA LEU D 47 -13.42 28.94 -21.26
C LEU D 47 -13.18 28.56 -22.74
N SER D 48 -14.21 28.00 -23.37
CA SER D 48 -14.13 27.64 -24.77
C SER D 48 -13.81 28.89 -25.60
N ALA D 49 -14.51 29.98 -25.32
CA ALA D 49 -14.31 31.22 -26.05
C ALA D 49 -12.86 31.69 -25.92
N THR D 50 -12.31 31.67 -24.71
CA THR D 50 -10.93 32.06 -24.50
C THR D 50 -10.02 31.18 -25.33
N LEU D 51 -10.16 29.86 -25.18
CA LEU D 51 -9.29 28.92 -25.88
C LEU D 51 -9.40 29.03 -27.39
N ASN D 52 -10.63 29.20 -27.89
CA ASN D 52 -10.85 29.35 -29.32
C ASN D 52 -10.27 30.66 -29.88
N ALA D 53 -10.39 31.75 -29.12
CA ALA D 53 -9.81 33.03 -29.53
C ALA D 53 -8.29 32.90 -29.64
N ARG D 54 -7.69 32.17 -28.71
CA ARG D 54 -6.25 31.96 -28.71
C ARG D 54 -5.85 31.11 -29.92
N ARG D 55 -6.67 30.12 -30.23
CA ARG D 55 -6.40 29.18 -31.30
C ARG D 55 -7.72 28.65 -31.89
N PRO D 56 -8.07 29.11 -33.08
CA PRO D 56 -9.33 28.73 -33.74
C PRO D 56 -9.61 27.23 -33.76
N ASN D 57 -10.85 26.86 -33.47
CA ASN D 57 -11.25 25.46 -33.45
C ASN D 57 -10.38 24.57 -32.57
N SER D 58 -10.11 25.04 -31.34
CA SER D 58 -9.28 24.31 -30.41
C SER D 58 -10.04 23.92 -29.14
N ALA D 59 -11.35 24.19 -29.12
CA ALA D 59 -12.15 23.91 -27.94
C ALA D 59 -13.64 23.83 -28.25
N ILE D 60 -14.32 22.91 -27.56
CA ILE D 60 -15.78 22.77 -27.68
C ILE D 60 -16.31 22.38 -26.30
N THR D 61 -17.61 22.56 -26.10
CA THR D 61 -18.23 22.19 -24.83
C THR D 61 -19.35 21.19 -25.01
N VAL D 62 -19.44 20.24 -24.09
CA VAL D 62 -20.52 19.26 -24.09
C VAL D 62 -21.10 19.13 -22.70
N GLN D 63 -22.42 19.09 -22.62
CA GLN D 63 -23.12 18.97 -21.35
C GLN D 63 -23.53 17.54 -21.13
N ALA D 64 -23.44 17.07 -19.89
CA ALA D 64 -23.88 15.71 -19.54
C ALA D 64 -23.89 15.45 -18.05
N ASP D 65 -25.01 14.95 -17.55
CA ASP D 65 -25.08 14.51 -16.16
C ASP D 65 -24.41 13.16 -16.09
N LEU D 66 -23.37 13.05 -15.27
CA LEU D 66 -22.59 11.82 -15.17
C LEU D 66 -23.01 10.94 -14.00
N SER D 67 -24.13 11.30 -13.38
CA SER D 67 -24.69 10.50 -12.31
C SER D 67 -25.23 9.22 -12.94
N ASN D 68 -25.26 8.14 -12.16
CA ASN D 68 -25.73 6.85 -12.66
C ASN D 68 -27.25 6.75 -12.73
N VAL D 69 -27.87 7.61 -13.56
CA VAL D 69 -29.32 7.65 -13.71
C VAL D 69 -29.72 7.83 -15.17
N ALA D 70 -31.01 7.62 -15.44
CA ALA D 70 -31.56 7.81 -16.77
C ALA D 70 -32.08 9.24 -16.91
N THR D 71 -31.81 9.86 -18.06
CA THR D 71 -32.30 11.22 -18.33
C THR D 71 -33.32 11.24 -19.45
N ALA D 72 -33.84 12.44 -19.74
CA ALA D 72 -34.82 12.64 -20.82
C ALA D 72 -34.11 12.77 -22.16
N PRO D 73 -34.68 12.15 -23.20
CA PRO D 73 -34.09 12.19 -24.55
C PRO D 73 -33.98 13.59 -25.14
N ALA D 81 -37.64 7.30 -25.43
CA ALA D 81 -36.99 6.36 -24.52
C ALA D 81 -35.97 7.07 -23.64
N PRO D 82 -35.79 6.57 -22.42
CA PRO D 82 -34.83 7.16 -21.48
C PRO D 82 -33.38 6.90 -21.90
N VAL D 83 -32.52 7.91 -21.72
CA VAL D 83 -31.12 7.80 -22.09
C VAL D 83 -30.28 7.39 -20.88
N THR D 84 -29.54 6.29 -21.01
CA THR D 84 -28.71 5.79 -19.92
C THR D 84 -27.37 6.52 -19.83
N LEU D 85 -26.70 6.34 -18.69
CA LEU D 85 -25.39 6.95 -18.47
C LEU D 85 -24.35 6.48 -19.47
N PHE D 86 -24.38 5.19 -19.82
CA PHE D 86 -23.43 4.67 -20.80
C PHE D 86 -23.55 5.44 -22.11
N THR D 87 -24.76 5.47 -22.66
CA THR D 87 -25.03 6.20 -23.90
C THR D 87 -24.49 7.63 -23.78
N ARG D 88 -24.84 8.29 -22.70
CA ARG D 88 -24.36 9.64 -22.44
C ARG D 88 -22.83 9.72 -22.44
N CYS D 89 -22.18 8.70 -21.90
CA CYS D 89 -20.72 8.67 -21.89
C CYS D 89 -20.17 8.40 -23.29
N ALA D 90 -20.81 7.50 -24.03
CA ALA D 90 -20.39 7.18 -25.40
C ALA D 90 -20.52 8.40 -26.30
N GLU D 91 -21.58 9.18 -26.12
CA GLU D 91 -21.80 10.38 -26.91
C GLU D 91 -20.75 11.45 -26.58
N LEU D 92 -20.27 11.43 -25.35
CA LEU D 92 -19.23 12.34 -24.90
C LEU D 92 -17.97 12.10 -25.73
N VAL D 93 -17.58 10.83 -25.81
CA VAL D 93 -16.40 10.46 -26.57
C VAL D 93 -16.64 10.65 -28.05
N ALA D 94 -17.85 10.32 -28.50
CA ALA D 94 -18.21 10.48 -29.90
C ALA D 94 -18.09 11.94 -30.36
N ALA D 95 -18.50 12.88 -29.50
CA ALA D 95 -18.41 14.30 -29.81
C ALA D 95 -17.00 14.67 -30.25
N CYS D 96 -16.00 14.02 -29.66
CA CYS D 96 -14.62 14.29 -30.01
C CYS D 96 -14.34 13.83 -31.42
N TYR D 97 -14.76 12.61 -31.73
CA TYR D 97 -14.54 12.02 -33.04
C TYR D 97 -15.34 12.73 -34.14
N THR D 98 -16.56 13.13 -33.82
CA THR D 98 -17.42 13.82 -34.76
C THR D 98 -16.83 15.17 -35.14
N HIS D 99 -16.20 15.82 -34.18
CA HIS D 99 -15.68 17.16 -34.40
C HIS D 99 -14.24 17.21 -34.89
N TRP D 100 -13.38 16.34 -34.37
CA TRP D 100 -11.95 16.37 -34.69
C TRP D 100 -11.43 15.04 -35.24
N GLY D 101 -12.31 14.05 -35.28
CA GLY D 101 -11.96 12.74 -35.81
C GLY D 101 -10.98 11.97 -34.93
N ARG D 102 -10.89 12.34 -33.66
CA ARG D 102 -9.98 11.66 -32.75
C ARG D 102 -10.21 12.03 -31.28
N CYS D 103 -9.65 11.19 -30.40
CA CYS D 103 -9.64 11.42 -28.96
C CYS D 103 -8.43 10.73 -28.36
N ASP D 104 -7.39 11.50 -28.07
CA ASP D 104 -6.13 10.95 -27.60
C ASP D 104 -6.02 10.87 -26.08
N VAL D 105 -6.59 11.84 -25.39
CA VAL D 105 -6.51 11.89 -23.94
C VAL D 105 -7.88 12.02 -23.29
N LEU D 106 -8.11 11.24 -22.24
CA LEU D 106 -9.33 11.37 -21.48
C LEU D 106 -8.95 11.63 -20.03
N VAL D 107 -9.48 12.71 -19.46
CA VAL D 107 -9.23 13.04 -18.07
C VAL D 107 -10.53 12.97 -17.28
N ASN D 108 -10.65 11.92 -16.44
CA ASN D 108 -11.81 11.76 -15.60
C ASN D 108 -11.66 12.63 -14.37
N ASN D 109 -12.16 13.86 -14.48
CA ASN D 109 -12.02 14.85 -13.43
C ASN D 109 -13.31 15.19 -12.70
N ALA D 110 -14.43 15.16 -13.43
CA ALA D 110 -15.73 15.47 -12.85
C ALA D 110 -15.96 14.60 -11.62
N SER D 111 -16.51 15.21 -10.56
CA SER D 111 -16.71 14.50 -9.31
C SER D 111 -17.58 15.23 -8.29
N SER D 112 -18.62 14.55 -7.80
CA SER D 112 -19.45 15.10 -6.72
C SER D 112 -18.75 14.82 -5.39
N PHE D 113 -18.99 15.68 -4.41
CA PHE D 113 -18.33 15.52 -3.13
C PHE D 113 -19.16 16.15 -2.01
N TYR D 114 -19.86 15.31 -1.27
CA TYR D 114 -20.64 15.76 -0.12
C TYR D 114 -20.86 14.58 0.85
N PRO D 115 -21.20 14.90 2.09
CA PRO D 115 -21.37 13.89 3.14
C PRO D 115 -22.46 12.86 2.91
N THR D 116 -22.17 11.62 3.30
CA THR D 116 -23.17 10.55 3.36
C THR D 116 -22.94 9.83 4.68
N PRO D 117 -23.33 10.47 5.78
CA PRO D 117 -23.07 9.92 7.13
C PRO D 117 -23.73 8.58 7.35
N LEU D 118 -23.06 7.70 8.08
CA LEU D 118 -23.64 6.41 8.45
C LEU D 118 -24.47 6.62 9.73
N LEU D 119 -24.01 7.57 10.55
CA LEU D 119 -24.69 7.91 11.80
C LEU D 119 -25.41 9.25 11.70
N ARG D 120 -26.69 9.25 12.07
CA ARG D 120 -27.55 10.44 11.99
C ARG D 120 -27.25 11.51 13.05
N ASP D 132 -35.45 11.58 2.88
CA ASP D 132 -34.34 10.71 3.22
C ASP D 132 -34.11 9.66 2.12
N ARG D 133 -35.03 8.71 1.99
CA ARG D 133 -34.91 7.64 1.01
C ARG D 133 -34.47 8.13 -0.38
N GLU D 134 -35.07 9.23 -0.83
CA GLU D 134 -34.72 9.80 -2.14
C GLU D 134 -33.29 10.34 -2.15
N ALA D 135 -32.93 11.12 -1.13
CA ALA D 135 -31.60 11.71 -1.03
C ALA D 135 -30.50 10.67 -0.84
N MET D 136 -30.88 9.45 -0.48
CA MET D 136 -29.92 8.36 -0.30
C MET D 136 -29.62 7.70 -1.66
N GLU D 137 -30.67 7.49 -2.45
CA GLU D 137 -30.53 6.87 -3.77
C GLU D 137 -29.95 7.86 -4.78
N THR D 138 -30.26 9.14 -4.60
CA THR D 138 -29.74 10.17 -5.50
C THR D 138 -28.25 10.39 -5.24
N ALA D 139 -27.85 10.33 -3.97
CA ALA D 139 -26.46 10.50 -3.63
C ALA D 139 -25.63 9.34 -4.15
N THR D 140 -26.16 8.13 -4.02
CA THR D 140 -25.46 6.94 -4.47
C THR D 140 -25.18 7.03 -5.96
N ALA D 141 -26.23 7.27 -6.74
CA ALA D 141 -26.10 7.39 -8.18
C ALA D 141 -25.19 8.55 -8.57
N ASP D 142 -25.29 9.65 -7.83
CA ASP D 142 -24.51 10.84 -8.14
C ASP D 142 -23.04 10.66 -7.77
N LEU D 143 -22.77 10.30 -6.52
CA LEU D 143 -21.41 10.13 -6.05
C LEU D 143 -20.70 8.99 -6.75
N PHE D 144 -21.39 7.88 -6.98
CA PHE D 144 -20.78 6.75 -7.66
C PHE D 144 -20.67 6.92 -9.15
N GLY D 145 -21.65 7.61 -9.74
CA GLY D 145 -21.66 7.83 -11.17
C GLY D 145 -20.49 8.67 -11.62
N SER D 146 -20.40 9.88 -11.09
CA SER D 146 -19.37 10.84 -11.48
C SER D 146 -17.96 10.33 -11.16
N ASN D 147 -17.80 9.75 -9.97
CA ASN D 147 -16.48 9.33 -9.50
C ASN D 147 -15.99 8.00 -10.02
N ALA D 148 -16.90 7.11 -10.41
CA ALA D 148 -16.52 5.74 -10.77
C ALA D 148 -17.18 5.17 -12.03
N ILE D 149 -18.50 5.10 -12.03
CA ILE D 149 -19.22 4.48 -13.13
C ILE D 149 -19.10 5.23 -14.47
N ALA D 150 -19.26 6.55 -14.46
CA ALA D 150 -19.08 7.32 -15.68
C ALA D 150 -17.67 7.11 -16.24
N PRO D 151 -16.64 7.25 -15.38
CA PRO D 151 -15.24 7.02 -15.81
C PRO D 151 -15.07 5.64 -16.43
N TYR D 152 -15.75 4.63 -15.89
CA TYR D 152 -15.67 3.29 -16.46
C TYR D 152 -16.22 3.31 -17.89
N PHE D 153 -17.44 3.79 -18.05
CA PHE D 153 -18.08 3.84 -19.36
C PHE D 153 -17.27 4.70 -20.31
N LEU D 154 -16.79 5.84 -19.82
CA LEU D 154 -15.97 6.73 -20.62
C LEU D 154 -14.71 6.03 -21.12
N ILE D 155 -14.05 5.28 -20.22
CA ILE D 155 -12.86 4.53 -20.61
C ILE D 155 -13.21 3.45 -21.65
N LYS D 156 -14.35 2.79 -21.44
CA LYS D 156 -14.82 1.76 -22.37
C LYS D 156 -15.04 2.35 -23.75
N ALA D 157 -15.78 3.47 -23.81
CA ALA D 157 -16.04 4.16 -25.07
C ALA D 157 -14.73 4.60 -25.71
N PHE D 158 -13.83 5.16 -24.90
CA PHE D 158 -12.54 5.61 -25.38
C PHE D 158 -11.76 4.46 -26.02
N ALA D 159 -11.71 3.32 -25.32
CA ALA D 159 -10.97 2.15 -25.81
C ALA D 159 -11.59 1.56 -27.08
N HIS D 160 -12.91 1.47 -27.10
CA HIS D 160 -13.62 0.92 -28.27
C HIS D 160 -13.30 1.70 -29.54
N ARG D 161 -13.27 3.03 -29.44
CA ARG D 161 -12.96 3.87 -30.60
C ARG D 161 -11.54 3.64 -31.10
N VAL D 162 -10.59 3.51 -30.16
CA VAL D 162 -9.20 3.23 -30.52
C VAL D 162 -9.09 1.85 -31.17
N ALA D 163 -9.72 0.86 -30.57
CA ALA D 163 -9.70 -0.49 -31.13
C ALA D 163 -10.30 -0.50 -32.55
N GLY D 164 -11.37 0.26 -32.75
CA GLY D 164 -12.04 0.33 -34.03
C GLY D 164 -11.27 1.13 -35.08
N THR D 165 -10.23 1.83 -34.64
CA THR D 165 -9.38 2.57 -35.55
C THR D 165 -8.28 1.62 -36.08
N PRO D 166 -8.09 1.63 -37.40
CA PRO D 166 -7.03 0.81 -38.02
C PRO D 166 -5.65 1.23 -37.48
N ALA D 167 -4.83 0.24 -37.13
CA ALA D 167 -3.51 0.49 -36.55
C ALA D 167 -2.76 1.67 -37.16
N LYS D 168 -2.53 1.63 -38.47
CA LYS D 168 -1.76 2.68 -39.14
C LYS D 168 -2.29 4.10 -38.90
N HIS D 169 -3.58 4.23 -38.57
CA HIS D 169 -4.19 5.55 -38.36
C HIS D 169 -4.31 5.97 -36.88
N ARG D 170 -3.86 5.11 -35.97
CA ARG D 170 -3.97 5.41 -34.53
C ARG D 170 -2.98 6.48 -34.06
N GLY D 171 -3.31 7.14 -32.96
CA GLY D 171 -2.41 8.10 -32.36
C GLY D 171 -1.22 7.37 -31.77
N THR D 172 -0.19 8.13 -31.38
CA THR D 172 1.01 7.52 -30.84
C THR D 172 1.13 7.75 -29.35
N ASN D 173 0.12 8.38 -28.76
CA ASN D 173 0.16 8.71 -27.33
C ASN D 173 -1.21 8.80 -26.68
N TYR D 174 -1.85 7.64 -26.48
CA TYR D 174 -3.14 7.60 -25.81
C TYR D 174 -2.94 7.57 -24.30
N SER D 175 -3.60 8.48 -23.60
CA SER D 175 -3.40 8.59 -22.17
C SER D 175 -4.71 8.88 -21.46
N ILE D 176 -5.01 8.12 -20.41
CA ILE D 176 -6.20 8.35 -19.59
C ILE D 176 -5.79 8.69 -18.15
N ILE D 177 -6.22 9.85 -17.66
CA ILE D 177 -5.89 10.23 -16.30
C ILE D 177 -7.12 10.21 -15.42
N ASN D 178 -7.06 9.46 -14.33
CA ASN D 178 -8.16 9.42 -13.37
C ASN D 178 -7.84 10.30 -12.17
N MET D 179 -8.62 11.34 -11.95
CA MET D 179 -8.42 12.20 -10.79
C MET D 179 -8.89 11.46 -9.54
N VAL D 180 -7.94 10.99 -8.76
CA VAL D 180 -8.28 10.26 -7.54
C VAL D 180 -8.11 11.17 -6.33
N ASP D 181 -7.87 10.57 -5.15
CA ASP D 181 -7.75 11.35 -3.90
C ASP D 181 -6.62 10.81 -3.05
N ALA D 182 -5.64 11.65 -2.75
CA ALA D 182 -4.47 11.23 -1.97
C ALA D 182 -4.80 10.88 -0.51
N MET D 183 -5.94 11.36 -0.01
CA MET D 183 -6.28 11.18 1.41
C MET D 183 -7.36 10.15 1.75
N THR D 184 -7.86 9.44 0.74
CA THR D 184 -8.93 8.46 0.97
C THR D 184 -8.54 7.27 1.86
N ASN D 185 -7.25 6.98 1.96
CA ASN D 185 -6.82 5.90 2.86
C ASN D 185 -6.87 6.35 4.31
N GLN D 186 -7.08 7.65 4.50
CA GLN D 186 -7.28 8.25 5.80
C GLN D 186 -8.62 8.98 5.67
N PRO D 187 -9.69 8.19 5.58
CA PRO D 187 -11.02 8.70 5.24
C PRO D 187 -11.46 9.95 5.95
N LEU D 188 -12.19 10.79 5.22
CA LEU D 188 -12.75 12.00 5.76
C LEU D 188 -14.08 11.62 6.41
N LEU D 189 -14.15 11.80 7.71
CA LEU D 189 -15.33 11.48 8.49
C LEU D 189 -16.64 11.92 7.83
N GLY D 190 -17.53 10.95 7.57
CA GLY D 190 -18.84 11.22 7.04
C GLY D 190 -18.98 11.15 5.53
N TYR D 191 -17.88 10.84 4.83
CA TYR D 191 -17.90 10.79 3.35
C TYR D 191 -17.70 9.38 2.79
N THR D 192 -18.40 8.41 3.34
CA THR D 192 -18.22 7.00 2.94
C THR D 192 -18.44 6.69 1.46
N ILE D 193 -19.57 7.09 0.90
CA ILE D 193 -19.83 6.81 -0.51
C ILE D 193 -18.77 7.43 -1.41
N TYR D 194 -18.47 8.70 -1.21
CA TYR D 194 -17.44 9.36 -1.99
C TYR D 194 -16.15 8.58 -1.87
N THR D 195 -15.75 8.26 -0.63
CA THR D 195 -14.53 7.50 -0.36
C THR D 195 -14.55 6.17 -1.08
N MET D 196 -15.71 5.49 -1.08
CA MET D 196 -15.85 4.22 -1.77
C MET D 196 -15.68 4.40 -3.28
N ALA D 197 -16.37 5.40 -3.83
CA ALA D 197 -16.30 5.69 -5.26
C ALA D 197 -14.86 5.93 -5.70
N LYS D 198 -14.09 6.62 -4.86
CA LYS D 198 -12.70 6.91 -5.15
C LYS D 198 -11.88 5.62 -5.15
N GLY D 199 -12.19 4.73 -4.21
CA GLY D 199 -11.54 3.44 -4.16
C GLY D 199 -11.82 2.68 -5.43
N ALA D 200 -13.07 2.76 -5.89
CA ALA D 200 -13.47 2.10 -7.14
C ALA D 200 -12.70 2.68 -8.32
N LEU D 201 -12.49 3.99 -8.30
CA LEU D 201 -11.74 4.65 -9.36
C LEU D 201 -10.30 4.16 -9.37
N GLU D 202 -9.76 3.88 -8.19
CA GLU D 202 -8.41 3.38 -8.06
C GLU D 202 -8.35 1.99 -8.69
N GLY D 203 -9.39 1.19 -8.47
CA GLY D 203 -9.47 -0.13 -9.05
C GLY D 203 -9.56 -0.03 -10.55
N LEU D 204 -10.36 0.91 -11.04
CA LEU D 204 -10.51 1.10 -12.47
C LEU D 204 -9.17 1.43 -13.12
N THR D 205 -8.36 2.25 -12.44
CA THR D 205 -7.05 2.63 -12.94
C THR D 205 -6.17 1.40 -13.16
N ARG D 206 -6.12 0.53 -12.16
CA ARG D 206 -5.29 -0.66 -12.24
C ARG D 206 -5.79 -1.63 -13.29
N SER D 207 -7.08 -1.93 -13.26
CA SER D 207 -7.69 -2.82 -14.23
C SER D 207 -7.60 -2.30 -15.68
N ALA D 208 -7.98 -1.04 -15.88
CA ALA D 208 -7.91 -0.43 -17.22
C ALA D 208 -6.48 -0.44 -17.78
N ALA D 209 -5.51 -0.04 -16.96
CA ALA D 209 -4.12 -0.04 -17.39
C ALA D 209 -3.73 -1.43 -17.92
N LEU D 210 -4.04 -2.47 -17.16
CA LEU D 210 -3.71 -3.83 -17.57
C LEU D 210 -4.41 -4.22 -18.89
N GLU D 211 -5.72 -4.11 -18.92
CA GLU D 211 -6.46 -4.52 -20.10
C GLU D 211 -6.14 -3.72 -21.35
N LEU D 212 -5.90 -2.43 -21.18
CA LEU D 212 -5.66 -1.53 -22.32
C LEU D 212 -4.20 -1.42 -22.76
N ALA D 213 -3.30 -2.11 -22.05
CA ALA D 213 -1.88 -2.08 -22.40
C ALA D 213 -1.62 -2.50 -23.86
N PRO D 214 -2.23 -3.59 -24.33
CA PRO D 214 -2.03 -4.05 -25.71
C PRO D 214 -2.33 -2.96 -26.74
N LEU D 215 -3.25 -2.06 -26.42
CA LEU D 215 -3.61 -0.96 -27.32
C LEU D 215 -2.76 0.27 -27.04
N GLN D 216 -1.74 0.11 -26.18
CA GLN D 216 -0.85 1.22 -25.80
C GLN D 216 -1.60 2.42 -25.23
N ILE D 217 -2.70 2.14 -24.54
CA ILE D 217 -3.44 3.19 -23.84
C ILE D 217 -3.00 3.16 -22.38
N ARG D 218 -2.26 4.17 -21.97
CA ARG D 218 -1.81 4.25 -20.59
C ARG D 218 -2.92 4.82 -19.71
N VAL D 219 -3.02 4.29 -18.50
CA VAL D 219 -4.02 4.74 -17.56
C VAL D 219 -3.39 4.96 -16.20
N ASN D 220 -3.41 6.21 -15.74
CA ASN D 220 -2.83 6.57 -14.47
C ASN D 220 -3.75 7.41 -13.64
N GLY D 221 -3.37 7.61 -12.38
CA GLY D 221 -4.17 8.41 -11.48
C GLY D 221 -3.37 9.55 -10.90
N VAL D 222 -4.06 10.64 -10.65
CA VAL D 222 -3.45 11.79 -9.99
C VAL D 222 -4.34 12.10 -8.79
N GLY D 223 -3.75 12.08 -7.60
CA GLY D 223 -4.49 12.32 -6.39
C GLY D 223 -4.05 13.56 -5.61
N PRO D 224 -4.82 14.64 -5.74
CA PRO D 224 -4.55 15.84 -4.94
C PRO D 224 -4.92 15.55 -3.51
N GLY D 225 -4.48 16.40 -2.59
CA GLY D 225 -4.84 16.28 -1.18
C GLY D 225 -5.76 17.44 -0.87
N LEU D 226 -5.18 18.62 -0.72
CA LEU D 226 -5.95 19.84 -0.54
C LEU D 226 -5.56 20.80 -1.66
N SER D 227 -6.50 21.03 -2.58
CA SER D 227 -6.26 21.95 -3.70
C SER D 227 -7.32 23.02 -3.77
N VAL D 228 -6.88 24.27 -3.90
CA VAL D 228 -7.75 25.43 -4.01
C VAL D 228 -8.97 25.36 -3.09
N LEU D 229 -8.72 25.41 -1.79
CA LEU D 229 -9.81 25.41 -0.81
C LEU D 229 -10.50 26.77 -0.85
N VAL D 230 -11.80 26.74 -1.12
CA VAL D 230 -12.60 27.96 -1.24
C VAL D 230 -12.77 28.65 0.12
N HIS D 241 -7.02 23.81 8.53
CA HIS D 241 -6.96 22.61 7.68
C HIS D 241 -5.67 22.59 6.87
N ARG D 242 -5.43 23.68 6.14
CA ARG D 242 -4.26 23.84 5.29
C ARG D 242 -2.94 23.93 6.05
N SER D 243 -3.00 24.35 7.32
CA SER D 243 -1.79 24.48 8.13
C SER D 243 -1.23 23.12 8.51
N LYS D 244 -2.00 22.07 8.25
CA LYS D 244 -1.59 20.70 8.57
C LYS D 244 -0.77 20.07 7.46
N VAL D 245 -0.79 20.69 6.29
CA VAL D 245 0.01 20.22 5.16
C VAL D 245 1.49 20.48 5.48
N PRO D 246 2.29 19.42 5.58
CA PRO D 246 3.71 19.55 5.90
C PRO D 246 4.44 20.53 4.98
N LEU D 247 4.19 20.42 3.68
CA LEU D 247 4.83 21.29 2.70
C LEU D 247 4.10 22.61 2.46
N TYR D 248 4.75 23.71 2.84
CA TYR D 248 4.20 25.06 2.65
C TYR D 248 3.07 25.41 3.60
N GLN D 249 2.48 24.41 4.25
CA GLN D 249 1.38 24.65 5.19
C GLN D 249 0.23 25.37 4.47
N ARG D 250 -0.08 24.91 3.27
CA ARG D 250 -1.16 25.49 2.50
C ARG D 250 -1.68 24.47 1.50
N ASP D 251 -2.92 24.66 1.06
CA ASP D 251 -3.49 23.84 0.00
C ASP D 251 -2.74 24.20 -1.29
N SER D 252 -2.88 23.37 -2.31
CA SER D 252 -2.16 23.62 -3.55
C SER D 252 -2.96 24.51 -4.51
N SER D 253 -2.28 25.04 -5.51
CA SER D 253 -2.95 25.79 -6.56
C SER D 253 -3.40 24.76 -7.59
N ALA D 254 -4.30 25.16 -8.48
CA ALA D 254 -4.76 24.28 -9.54
C ALA D 254 -3.60 23.82 -10.43
N ALA D 255 -2.74 24.77 -10.80
CA ALA D 255 -1.59 24.47 -11.65
C ALA D 255 -0.66 23.41 -11.02
N GLU D 256 -0.52 23.46 -9.71
CA GLU D 256 0.35 22.53 -9.01
C GLU D 256 -0.11 21.09 -9.17
N VAL D 257 -1.38 20.91 -9.51
CA VAL D 257 -1.95 19.59 -9.75
C VAL D 257 -1.98 19.31 -11.26
N SER D 258 -2.60 20.21 -12.01
CA SER D 258 -2.75 20.05 -13.45
C SER D 258 -1.43 19.83 -14.21
N ASP D 259 -0.35 20.48 -13.76
CA ASP D 259 0.96 20.28 -14.39
C ASP D 259 1.35 18.81 -14.36
N VAL D 260 0.99 18.13 -13.28
CA VAL D 260 1.31 16.71 -13.13
C VAL D 260 0.50 15.90 -14.13
N VAL D 261 -0.75 16.31 -14.33
CA VAL D 261 -1.63 15.64 -15.26
C VAL D 261 -1.07 15.77 -16.66
N ILE D 262 -0.66 16.98 -16.99
CA ILE D 262 -0.06 17.27 -18.29
C ILE D 262 1.21 16.45 -18.53
N PHE D 263 2.10 16.39 -17.54
CA PHE D 263 3.32 15.59 -17.67
C PHE D 263 3.03 14.12 -17.91
N LEU D 264 2.04 13.57 -17.21
CA LEU D 264 1.67 12.17 -17.38
C LEU D 264 1.10 11.89 -18.76
N CYS D 265 0.61 12.94 -19.42
CA CYS D 265 0.06 12.79 -20.76
C CYS D 265 1.13 12.93 -21.82
N SER D 266 2.28 13.48 -21.43
CA SER D 266 3.39 13.71 -22.37
C SER D 266 4.08 12.42 -22.79
N SER D 267 4.74 12.45 -23.95
CA SER D 267 5.43 11.28 -24.45
C SER D 267 6.62 10.87 -23.56
N LYS D 268 7.10 11.80 -22.73
CA LYS D 268 8.20 11.51 -21.83
C LYS D 268 7.75 10.56 -20.71
N ALA D 269 6.43 10.39 -20.57
CA ALA D 269 5.87 9.51 -19.57
C ALA D 269 5.29 8.25 -20.20
N LYS D 270 5.78 7.91 -21.38
CA LYS D 270 5.23 6.78 -22.13
C LYS D 270 5.41 5.37 -21.55
N TYR D 271 6.17 5.25 -20.46
CA TYR D 271 6.38 3.96 -19.79
C TYR D 271 5.61 3.86 -18.47
N ILE D 272 4.93 4.94 -18.09
CA ILE D 272 4.13 4.95 -16.87
C ILE D 272 2.69 4.57 -17.14
N THR D 273 2.21 3.55 -16.44
CA THR D 273 0.82 3.13 -16.53
C THR D 273 0.41 2.33 -15.29
N GLY D 274 -0.85 2.51 -14.87
CA GLY D 274 -1.39 1.78 -13.74
C GLY D 274 -0.91 2.25 -12.37
N THR D 275 -0.43 3.48 -12.29
CA THR D 275 0.05 4.01 -11.01
C THR D 275 -0.62 5.33 -10.63
N CYS D 276 -0.33 5.77 -9.40
CA CYS D 276 -0.87 7.02 -8.87
C CYS D 276 0.24 7.97 -8.51
N VAL D 277 0.01 9.25 -8.78
CA VAL D 277 0.94 10.27 -8.33
C VAL D 277 0.20 11.18 -7.35
N LYS D 278 0.60 11.14 -6.08
CA LYS D 278 0.01 12.00 -5.06
C LYS D 278 0.58 13.40 -5.21
N VAL D 279 -0.30 14.39 -5.19
CA VAL D 279 0.10 15.79 -5.24
C VAL D 279 -0.48 16.43 -3.99
N ASP D 280 0.08 16.09 -2.84
CA ASP D 280 -0.51 16.49 -1.56
C ASP D 280 0.42 17.22 -0.60
N GLY D 281 1.63 17.52 -1.03
CA GLY D 281 2.57 18.22 -0.17
C GLY D 281 2.85 17.47 1.12
N GLY D 282 2.76 16.14 1.07
CA GLY D 282 3.07 15.31 2.21
C GLY D 282 1.95 15.13 3.21
N TYR D 283 0.75 15.59 2.83
CA TYR D 283 -0.39 15.49 3.74
C TYR D 283 -0.72 14.05 4.15
N SER D 284 -0.63 13.12 3.20
CA SER D 284 -0.96 11.73 3.50
C SER D 284 0.05 11.07 4.43
N LEU D 285 1.06 11.82 4.84
CA LEU D 285 2.10 11.31 5.74
C LEU D 285 1.77 11.60 7.20
N THR D 286 0.71 12.39 7.44
CA THR D 286 0.36 12.84 8.79
C THR D 286 -0.49 11.86 9.61
N ARG D 287 -0.53 12.09 10.93
CA ARG D 287 -1.39 11.34 11.85
C ARG D 287 -2.16 12.34 12.68
N ALA D 288 -3.22 11.91 13.34
CA ALA D 288 -3.98 12.79 14.23
C ALA D 288 -3.17 13.08 15.50
PA NDP E . 10.08 -2.53 23.65
O1A NDP E . 10.44 -1.16 23.28
O2A NDP E . 9.52 -2.57 25.07
O5B NDP E . 11.41 -3.42 23.53
C5B NDP E . 11.32 -4.80 23.34
C4B NDP E . 12.66 -5.46 23.67
O4B NDP E . 13.59 -5.32 22.61
C3B NDP E . 13.35 -4.89 24.90
O3B NDP E . 12.87 -5.52 26.07
C2B NDP E . 14.82 -5.20 24.63
O2B NDP E . 15.25 -6.30 25.41
C1B NDP E . 14.85 -5.61 23.17
N9A NDP E . 15.94 -4.95 22.44
C8A NDP E . 16.04 -3.63 22.11
N7A NDP E . 17.21 -3.45 21.45
C5A NDP E . 17.85 -4.62 21.38
C6A NDP E . 19.07 -4.98 20.85
N6A NDP E . 19.97 -4.04 20.55
N1A NDP E . 19.47 -6.30 20.93
C2A NDP E . 18.67 -7.24 21.56
N3A NDP E . 17.46 -6.87 22.08
C4A NDP E . 17.07 -5.58 21.99
O3 NDP E . 9.06 -3.14 22.56
PN NDP E . 7.45 -3.19 22.74
O1N NDP E . 6.98 -1.82 22.97
O2N NDP E . 7.08 -4.26 23.70
O5D NDP E . 6.95 -3.67 21.29
C5D NDP E . 7.33 -4.92 20.75
C4D NDP E . 7.46 -4.83 19.23
O4D NDP E . 6.33 -4.16 18.67
C3D NDP E . 8.68 -4.04 18.81
O3D NDP E . 9.29 -4.71 17.72
C2D NDP E . 8.13 -2.71 18.35
O2D NDP E . 8.89 -2.18 17.30
C1D NDP E . 6.73 -3.05 17.89
N1N NDP E . 5.82 -1.91 18.09
C2N NDP E . 5.46 -1.49 19.35
C3N NDP E . 4.59 -0.41 19.51
C7N NDP E . 4.06 -0.05 20.87
O7N NDP E . 3.07 0.94 20.97
N7N NDP E . 4.52 -0.66 21.96
C4N NDP E . 4.08 0.23 18.39
C5N NDP E . 4.46 -0.18 17.12
C6N NDP E . 5.33 -1.26 16.99
P2B NDP E . 16.00 -6.08 26.82
O1X NDP E . 16.25 -7.42 27.42
O2X NDP E . 17.33 -5.36 26.60
O3X NDP E . 15.10 -5.23 27.74
N1 CB3 F . 8.77 0.53 18.94
C2 CB3 F . 9.53 -0.07 19.93
NA2 CB3 F . 10.50 -0.95 19.66
N3 CB3 F . 9.30 0.22 21.23
C4 CB3 F . 8.31 1.12 21.63
O4 CB3 F . 8.16 1.35 23.00
C4A CB3 F . 7.50 1.77 20.65
C5 CB3 F . 6.45 2.71 20.98
C6 CB3 F . 5.66 3.34 19.94
C7 CB3 F . 5.94 3.01 18.58
C8 CB3 F . 6.98 2.08 18.26
C8A CB3 F . 7.77 1.45 19.27
C9 CB3 F . 4.56 4.36 20.22
N10 CB3 F . 4.89 5.86 20.41
C11 CB3 F . 2.66 9.10 18.64
C12 CB3 F . 3.14 8.02 17.85
C13 CB3 F . 3.88 6.96 18.44
C14 CB3 F . 4.14 6.92 19.85
C15 CB3 F . 3.63 8.05 20.65
C16 CB3 F . 2.90 9.12 20.05
C CB3 F . 1.93 10.16 17.97
O CB3 F . 0.82 9.96 17.45
N CB3 F . 2.54 11.38 17.92
CA CB3 F . 1.89 12.53 17.32
CB CB3 F . 2.22 13.76 18.16
CG CB3 F . 1.01 14.70 18.28
CD CB3 F . 1.47 16.05 18.80
OE1 CB3 F . 2.06 16.10 19.90
OE2 CB3 F . 1.24 17.07 18.10
CT CB3 F . 2.37 12.73 15.91
O1 CB3 F . 3.30 12.01 15.49
O2 CB3 F . 1.82 13.63 15.21
CP1 CB3 F . 6.09 6.17 21.29
CP2 CB3 F . 6.59 7.56 21.25
CP3 CB3 F . 6.88 8.73 21.27
C1 EDO G . 6.62 4.71 15.07
O1 EDO G . 5.89 5.24 13.98
C2 EDO G . 6.12 5.30 16.38
O2 EDO G . 4.71 5.43 16.39
C1 EDO H . 7.42 -1.42 2.47
O1 EDO H . 8.61 -1.97 2.97
C2 EDO H . 7.18 -0.06 3.09
O2 EDO H . 8.37 0.69 3.02
C1 EDO I . 8.10 3.91 6.52
O1 EDO I . 7.90 4.81 5.46
C2 EDO I . 8.93 2.75 6.04
O2 EDO I . 9.14 1.86 7.12
PA NDP J . 23.03 -0.32 -11.70
O1A NDP J . 22.81 -1.72 -11.30
O2A NDP J . 23.57 -0.25 -13.13
O5B NDP J . 24.07 0.34 -10.67
C5B NDP J . 24.14 1.74 -10.53
C4B NDP J . 25.47 2.15 -9.94
O4B NDP J . 25.50 1.98 -8.53
C3B NDP J . 26.68 1.36 -10.43
O3B NDP J . 27.19 1.91 -11.63
C2B NDP J . 27.67 1.48 -9.30
O2B NDP J . 28.66 2.45 -9.61
C1B NDP J . 26.85 2.03 -8.14
N9A NDP J . 27.09 1.26 -6.91
C8A NDP J . 26.70 -0.02 -6.65
N7A NDP J . 27.14 -0.34 -5.41
C5A NDP J . 27.79 0.72 -4.89
C6A NDP J . 28.45 0.92 -3.69
N6A NDP J . 28.67 -0.11 -2.88
N1A NDP J . 29.08 2.12 -3.45
C2A NDP J . 29.03 3.12 -4.40
N3A NDP J . 28.39 2.92 -5.59
C4A NDP J . 27.78 1.72 -5.84
O3 NDP J . 21.67 0.53 -11.52
PN NDP J . 20.56 0.77 -12.68
O1N NDP J . 20.12 -0.54 -13.17
O2N NDP J . 21.06 1.78 -13.64
O5D NDP J . 19.33 1.44 -11.87
C5D NDP J . 19.56 2.59 -11.07
C4D NDP J . 18.65 2.59 -9.85
O4D NDP J . 17.36 2.13 -10.25
C3D NDP J . 19.15 1.64 -8.77
O3D NDP J . 19.03 2.25 -7.51
C2D NDP J . 18.19 0.46 -8.84
O2D NDP J . 17.97 -0.08 -7.56
C1D NDP J . 16.94 1.07 -9.41
N1N NDP J . 16.19 0.07 -10.19
C2N NDP J . 16.65 -0.35 -11.41
C3N NDP J . 15.93 -1.30 -12.14
C7N NDP J . 16.35 -1.72 -13.52
O7N NDP J . 15.52 -2.60 -14.23
N7N NDP J . 17.49 -1.25 -14.03
C4N NDP J . 14.75 -1.82 -11.60
C5N NDP J . 14.29 -1.39 -10.35
C6N NDP J . 15.04 -0.44 -9.66
P2B NDP J . 30.08 2.04 -10.25
O1X NDP J . 30.85 3.29 -10.43
O2X NDP J . 30.85 1.09 -9.32
O3X NDP J . 29.81 1.36 -11.60
N1 CB3 K . 18.59 -2.79 -9.04
C2 CB3 K . 19.89 -2.36 -9.29
NA2 CB3 K . 20.61 -1.65 -8.42
N3 CB3 K . 20.46 -2.65 -10.47
C4 CB3 K . 19.83 -3.41 -11.45
O4 CB3 K . 20.53 -3.68 -12.61
C4A CB3 K . 18.51 -3.89 -11.24
C5 CB3 K . 17.77 -4.67 -12.19
C6 CB3 K . 16.43 -5.13 -11.93
C7 CB3 K . 15.84 -4.79 -10.67
C8 CB3 K . 16.57 -4.01 -9.72
C8A CB3 K . 17.90 -3.54 -9.97
C9 CB3 K . 15.61 -5.96 -12.92
N10 CB3 K . 15.83 -7.49 -13.07
C11 CB3 K . 12.60 -10.33 -13.27
C12 CB3 K . 12.77 -9.47 -12.14
C13 CB3 K . 13.84 -8.55 -12.09
C14 CB3 K . 14.78 -8.42 -13.17
C15 CB3 K . 14.58 -9.30 -14.33
C16 CB3 K . 13.51 -10.23 -14.37
C CB3 K . 11.47 -11.23 -13.25
O CB3 K . 10.33 -10.87 -12.92
N CB3 K . 11.75 -12.53 -13.60
CA CB3 K . 10.84 -13.66 -13.13
CB CB3 K . 11.68 -14.88 -12.79
CG CB3 K . 10.95 -16.18 -13.09
CD CB3 K . 11.47 -17.29 -12.21
OE1 CB3 K . 12.70 -17.32 -11.93
OE2 CB3 K . 10.68 -18.18 -11.80
CT CB3 K . 9.94 -13.32 -11.97
O1 CB3 K . 10.44 -13.17 -10.83
O2 CB3 K . 8.71 -13.21 -12.20
CP1 CB3 K . 17.28 -7.95 -13.15
CP2 CB3 K . 17.52 -9.40 -13.03
CP3 CB3 K . 17.74 -10.57 -12.81
C1 EDO L . 23.49 -1.77 8.77
O1 EDO L . 24.15 -1.66 10.02
C2 EDO L . 24.47 -1.67 7.61
O2 EDO L . 25.44 -2.70 7.69
PA NDP M . -19.29 -17.20 -4.38
O1A NDP M . -18.82 -16.82 -5.74
O2A NDP M . -19.48 -18.73 -4.23
O5B NDP M . -20.65 -16.41 -4.12
C5B NDP M . -21.12 -16.27 -2.81
C4B NDP M . -22.63 -16.02 -2.79
O4B NDP M . -22.95 -14.69 -3.16
C3B NDP M . -23.43 -16.90 -3.73
O3B NDP M . -23.77 -18.11 -3.10
C2B NDP M . -24.68 -16.07 -3.99
O2B NDP M . -25.76 -16.54 -3.22
C1B NDP M . -24.32 -14.68 -3.47
N9A NDP M . -24.67 -13.67 -4.47
C8A NDP M . -24.10 -13.49 -5.70
N7A NDP M . -24.74 -12.43 -6.30
C5A NDP M . -25.71 -11.99 -5.47
C6A NDP M . -26.66 -10.96 -5.59
N6A NDP M . -26.83 -10.32 -6.74
N1A NDP M . -27.54 -10.73 -4.55
C2A NDP M . -27.47 -11.51 -3.41
N3A NDP M . -26.52 -12.50 -3.31
C4A NDP M . -25.67 -12.75 -4.32
O3 NDP M . -18.25 -16.62 -3.28
PN NDP M . -17.02 -17.46 -2.65
O1N NDP M . -16.16 -17.99 -3.74
O2N NDP M . -17.56 -18.41 -1.64
O5D NDP M . -16.22 -16.29 -1.86
C5D NDP M . -16.90 -15.51 -0.89
C4D NDP M . -16.33 -14.10 -0.82
O4D NDP M . -14.91 -14.13 -0.90
C3D NDP M . -16.80 -13.24 -1.97
O3D NDP M . -17.05 -11.93 -1.49
C2D NDP M . -15.61 -13.19 -2.92
O2D NDP M . -15.55 -11.97 -3.60
C1D NDP M . -14.44 -13.34 -1.97
N1N NDP M . -13.31 -13.98 -2.65
C2N NDP M . -13.35 -15.31 -3.00
C3N NDP M . -12.26 -15.89 -3.63
C7N NDP M . -12.22 -17.37 -3.94
O7N NDP M . -11.04 -17.90 -4.48
N7N NDP M . -13.30 -18.12 -3.70
C4N NDP M . -11.13 -15.11 -3.91
C5N NDP M . -11.11 -13.78 -3.58
C6N NDP M . -12.20 -13.22 -2.93
P2B NDP M . -26.82 -17.57 -3.85
O1X NDP M . -27.85 -17.90 -2.84
O2X NDP M . -27.51 -16.94 -5.07
O3X NDP M . -26.03 -18.83 -4.26
N1 CB3 N . -14.93 -13.93 -6.17
C2 CB3 N . -16.24 -14.39 -6.03
NA2 CB3 N . -17.23 -13.62 -5.57
N3 CB3 N . -16.53 -15.67 -6.36
C4 CB3 N . -15.57 -16.54 -6.85
O4 CB3 N . -15.94 -17.84 -7.18
C4A CB3 N . -14.23 -16.12 -7.00
C5 CB3 N . -13.19 -16.98 -7.50
C6 CB3 N . -11.83 -16.50 -7.67
C7 CB3 N . -11.55 -15.15 -7.32
C8 CB3 N . -12.59 -14.29 -6.81
C8A CB3 N . -13.92 -14.75 -6.64
C9 CB3 N . -10.72 -17.39 -8.21
N10 CB3 N . -10.47 -17.54 -9.73
C11 CB3 N . -6.56 -16.81 -11.40
C12 CB3 N . -7.20 -15.86 -10.56
C13 CB3 N . -8.48 -16.12 -10.03
C14 CB3 N . -9.18 -17.34 -10.30
C15 CB3 N . -8.52 -18.32 -11.17
C16 CB3 N . -7.22 -18.05 -11.72
C CB3 N . -5.25 -16.45 -11.92
O CB3 N . -4.40 -15.87 -11.22
N CB3 N . -5.02 -16.78 -13.22
CA CB3 N . -3.86 -16.38 -14.01
CB CB3 N . -3.58 -14.87 -13.92
CG CB3 N . -4.60 -14.09 -14.79
CD CB3 N . -4.06 -12.73 -15.15
OE1 CB3 N . -2.81 -12.57 -15.18
OE2 CB3 N . -4.87 -11.80 -15.39
CT CB3 N . -2.63 -17.16 -13.60
O1 CB3 N . -1.74 -17.37 -14.46
O2 CB3 N . -2.56 -17.61 -12.43
CP1 CB3 N . -11.68 -17.90 -10.58
CP2 CB3 N . -11.57 -17.63 -12.03
CP3 CB3 N . -11.42 -17.52 -13.21
PA NDP O . -14.93 20.10 -8.00
O1A NDP O . -15.47 19.72 -6.68
O2A NDP O . -14.69 21.62 -8.11
O5B NDP O . -15.96 19.59 -9.12
C5B NDP O . -15.50 19.38 -10.43
C4B NDP O . -16.68 19.30 -11.40
O4B NDP O . -17.34 18.05 -11.33
C3B NDP O . -17.76 20.33 -11.17
O3B NDP O . -17.44 21.54 -11.82
C2B NDP O . -18.99 19.68 -11.78
O2B NDP O . -19.29 20.26 -13.03
C1B NDP O . -18.59 18.23 -11.98
N9A NDP O . -19.62 17.31 -11.48
C8A NDP O . -19.97 17.08 -10.17
N7A NDP O . -20.97 16.18 -10.17
C5A NDP O . -21.27 15.85 -11.45
C6A NDP O . -22.22 14.98 -12.00
N6A NDP O . -23.23 14.50 -11.27
N1A NDP O . -22.27 14.84 -13.38
C2A NDP O . -21.41 15.56 -14.18
N3A NDP O . -20.48 16.42 -13.61
C4A NDP O . -20.42 16.56 -12.28
O3 NDP O . -13.57 19.29 -8.28
PN NDP O . -12.11 19.87 -7.93
O1N NDP O . -12.10 20.38 -6.55
O2N NDP O . -11.69 20.76 -9.04
O5D NDP O . -11.24 18.51 -8.02
C5D NDP O . -11.19 17.81 -9.25
C4D NDP O . -10.91 16.33 -9.01
O4D NDP O . -9.89 16.19 -8.04
C3D NDP O . -12.14 15.63 -8.47
O3D NDP O . -12.24 14.35 -9.07
C2D NDP O . -11.84 15.44 -6.99
O2D NDP O . -12.41 14.25 -6.49
C1D NDP O . -10.33 15.39 -6.95
N1N NDP O . -9.81 15.90 -5.68
C2N NDP O . -9.88 17.25 -5.39
C3N NDP O . -9.37 17.71 -4.18
C7N NDP O . -9.34 19.19 -3.87
O7N NDP O . -8.73 19.63 -2.67
N7N NDP O . -9.86 20.05 -4.75
C4N NDP O . -8.78 16.81 -3.28
C5N NDP O . -8.72 15.46 -3.59
C6N NDP O . -9.24 15.01 -4.80
P2B NDP O . -20.33 21.48 -13.18
O1X NDP O . -20.33 21.94 -14.59
O2X NDP O . -21.75 21.02 -12.82
O3X NDP O . -19.90 22.64 -12.25
N1 CB3 P . -13.31 16.22 -4.13
C2 CB3 P . -14.09 16.89 -5.05
NA2 CB3 P . -14.69 16.28 -6.07
N3 CB3 P . -14.28 18.23 -4.94
C4 CB3 P . -13.70 18.97 -3.92
O4 CB3 P . -13.93 20.33 -3.88
C4A CB3 P . -12.88 18.34 -2.94
C5 CB3 P . -12.24 19.04 -1.86
C6 CB3 P . -11.42 18.35 -0.89
C7 CB3 P . -11.25 16.93 -1.04
C8 CB3 P . -11.89 16.23 -2.12
C8A CB3 P . -12.70 16.89 -3.08
C9 CB3 P . -10.74 19.04 0.28
N10 CB3 P . -11.47 19.29 1.62
C11 CB3 P . -9.86 17.90 5.38
C12 CB3 P . -9.96 17.04 4.25
C13 CB3 P . -10.51 17.50 3.03
C14 CB3 P . -10.96 18.86 2.87
C15 CB3 P . -10.83 19.75 4.03
C16 CB3 P . -10.29 19.28 5.27
C CB3 P . -9.30 17.36 6.62
O CB3 P . -8.24 16.70 6.62
N CB3 P . -10.04 17.57 7.75
CA CB3 P . -9.55 17.31 9.11
CB CB3 P . -10.22 16.05 9.69
CG CB3 P . -10.63 15.06 8.60
CD CB3 P . -11.44 13.94 9.19
OE1 CB3 P . -12.68 14.10 9.33
OE2 CB3 P . -10.86 12.88 9.52
CT CB3 P . -8.06 17.22 9.23
O1 CB3 P . -7.52 16.09 9.20
O2 CB3 P . -7.40 18.28 9.37
CP1 CB3 P . -12.77 20.07 1.53
CP2 CB3 P . -13.74 19.89 2.62
CP3 CB3 P . -14.62 19.83 3.44
C1 EDO Q . -11.91 13.25 1.25
O1 EDO Q . -10.88 12.36 0.89
C2 EDO Q . -11.34 14.63 1.50
O2 EDO Q . -10.01 14.56 1.97
C1 EDO R . -24.22 3.11 -8.84
O1 EDO R . -25.36 3.72 -8.26
C2 EDO R . -24.16 1.65 -8.44
O2 EDO R . -25.07 0.89 -9.20
#